data_7NUR
#
_entry.id   7NUR
#
_cell.length_a   1.00
_cell.length_b   1.00
_cell.length_c   1.00
_cell.angle_alpha   90.00
_cell.angle_beta   90.00
_cell.angle_gamma   90.00
#
_symmetry.space_group_name_H-M   'P 1'
#
_entity_poly.entity_id   1
_entity_poly.type   'polypeptide(L)'
_entity_poly.pdbx_seq_one_letter_code
;GAGTTGGKKDDQALSFLGDTKSASELNPPRLVCPDKPPTLPPREEQVRKAYALPLCELPWDDLGPMLGSGTFGRVYPLRR
PACTEVTKGFVGRKFAVKIFWLKRKGMMNLFDTISQGGTPSAEQTDPGTIAAIKSEIRSLPTSSSAFRDMVRIADPTVDV
EKIKGMADSLTVETIMKEAKTLRTVINTNGFYTEVGETGTIFTQMEKFVQAHRPEIWSTLSKASQEAQASKYAEIGLADN
HWSLPLARVLVKDKNDVKHWALLIELFDGDLQPKTDKTGYSLDGWNAKSGGNVVLREIFSSREALIGLTSKLVKPFVVMQ
NLYSLGHFAIKPPNLLYKYFPGEKGRASRLSVAAGDFGMAGLLHGDMILRGTLAFMAPEMERVSGGLVAKPSYDVYALAL
TLASFWTAATELRDHYPWVEKCIKPTLKKMKDAPEFTFLRFASKTGPKLYEADTIYALSTCFAVGGKVEKLYHTGMPLLI
RLKLSQMADPEPLARVSMRHARFVFKAYAMLDKLLRAPQSEANAETREEQLKQLQSLHIVQFLLFYLRMEPLTAARDNTQ
SYRRLARALLDFARLDPVYQAATETVQPLPYEFFTEQKDWQNVKVEVSGSEVDETIRKLRTSLTRDRSLSEDSWADLVDI
MFGVSLDGLREVVTRVVYSRKTFLLEEKIGNAVKEAVAATYKFDPNTQLIAEDAPDRLFEVVRTDLGLSYPDDSELGRFL
VHRVSKSHTAWATVDRLARQALRLALRREERTRQVYEQLLSGEKPSSESEKAFFDSVFSAVSVVSEANYFGLFWDFPSAG
LFGVPPEEMQAYVRKTHLAFVGKMWPVETQKKILEAAVRVTVRGLNASLPASLVDVYATVFAALPTKAPVSPPFLYGLER
EEYSSLLFDAKLPEFKEMVAFWATRHELNIAVQTAVGKIPDATNLSDEDIEKQLEGMLPAHLRSPSPARFGWPPEAVADN
IRLFIREAKDELALHGPDMVHNRIRVNGRSKPPRRAAFLFHEIFRKAIAFKKDISVLQFNQFFTDILKQSFDPQCRRFIA
EVKKRVKSAPAEYVRVADTEAVAPLFEGEGKDILKLVAVDPAARASDPEPNNCFLWTQAFLDDKTIVVSTGSSGSSGHHH
HHHHHHH
;
_entity_poly.pdbx_strand_id   A
#
# COMPACT_ATOMS: atom_id res chain seq x y z
N LEU A 14 -39.64 -0.03 -4.41
CA LEU A 14 -38.59 0.96 -4.24
C LEU A 14 -39.13 2.19 -3.51
N SER A 15 -39.80 1.96 -2.39
CA SER A 15 -40.44 3.03 -1.62
C SER A 15 -39.48 3.75 -0.71
N PHE A 16 -38.32 3.16 -0.42
CA PHE A 16 -37.36 3.74 0.50
C PHE A 16 -36.50 4.83 -0.11
N LEU A 17 -36.62 5.10 -1.41
CA LEU A 17 -35.68 5.97 -2.11
C LEU A 17 -36.00 7.44 -1.95
N GLY A 18 -37.28 7.80 -1.84
CA GLY A 18 -37.64 9.20 -1.78
C GLY A 18 -37.36 9.86 -0.44
N ASP A 19 -36.12 9.73 0.06
CA ASP A 19 -35.68 10.37 1.29
C ASP A 19 -36.58 9.97 2.47
N THR A 20 -36.54 8.67 2.78
CA THR A 20 -37.42 8.13 3.82
C THR A 20 -36.83 8.33 5.22
N LYS A 21 -35.52 8.18 5.37
CA LYS A 21 -34.84 8.45 6.63
C LYS A 21 -34.04 9.74 6.50
N SER A 22 -34.53 10.80 7.15
CA SER A 22 -34.06 12.16 6.90
C SER A 22 -32.85 12.53 7.74
N ALA A 23 -32.80 12.10 9.01
CA ALA A 23 -31.69 12.43 9.88
C ALA A 23 -31.12 11.21 10.59
N SER A 24 -31.25 10.02 10.01
CA SER A 24 -30.75 8.82 10.66
C SER A 24 -29.25 8.77 10.60
N GLU A 25 -28.66 8.11 11.60
CA GLU A 25 -27.22 7.89 11.64
C GLU A 25 -26.83 6.51 11.14
N LEU A 26 -27.81 5.67 10.78
CA LEU A 26 -27.53 4.37 10.20
C LEU A 26 -27.36 4.48 8.68
N ASN A 27 -28.08 5.41 8.05
CA ASN A 27 -27.96 5.66 6.61
C ASN A 27 -28.37 7.09 6.32
N PRO A 28 -27.41 8.00 6.26
CA PRO A 28 -27.71 9.44 6.21
C PRO A 28 -28.24 9.83 4.84
N PRO A 29 -28.84 11.01 4.72
CA PRO A 29 -29.34 11.47 3.43
C PRO A 29 -28.21 11.94 2.52
N ARG A 30 -28.60 12.38 1.32
CA ARG A 30 -27.62 12.83 0.34
C ARG A 30 -27.06 14.20 0.70
N LEU A 31 -26.00 14.58 -0.02
CA LEU A 31 -25.48 15.94 0.00
C LEU A 31 -26.17 16.69 -1.12
N VAL A 32 -27.21 17.45 -0.76
CA VAL A 32 -28.08 18.04 -1.77
C VAL A 32 -27.37 19.13 -2.56
N CYS A 33 -26.93 20.18 -1.88
CA CYS A 33 -26.35 21.35 -2.55
C CYS A 33 -25.85 22.34 -1.50
N PRO A 34 -25.11 23.40 -1.90
CA PRO A 34 -24.77 24.45 -0.93
C PRO A 34 -26.01 25.16 -0.38
N PRO A 41 -21.00 33.46 10.73
CA PRO A 41 -21.18 33.93 12.11
C PRO A 41 -20.03 34.83 12.56
N PRO A 42 -20.28 35.71 13.52
CA PRO A 42 -19.19 36.52 14.05
C PRO A 42 -18.16 35.63 14.73
N ARG A 43 -17.07 36.26 15.17
CA ARG A 43 -16.04 35.49 15.85
C ARG A 43 -16.29 35.33 17.34
N GLU A 44 -16.66 36.40 18.04
CA GLU A 44 -16.81 36.32 19.49
C GLU A 44 -17.89 35.34 19.91
N GLU A 45 -18.89 35.11 19.06
CA GLU A 45 -19.95 34.18 19.42
C GLU A 45 -19.41 32.76 19.53
N GLN A 46 -18.51 32.37 18.62
CA GLN A 46 -17.99 31.01 18.66
C GLN A 46 -17.10 30.80 19.88
N VAL A 47 -16.30 31.80 20.25
CA VAL A 47 -15.48 31.67 21.45
C VAL A 47 -16.35 31.61 22.70
N ARG A 48 -17.36 32.48 22.77
CA ARG A 48 -18.23 32.51 23.94
C ARG A 48 -19.13 31.29 24.02
N LYS A 49 -19.31 30.55 22.92
CA LYS A 49 -20.11 29.33 22.98
C LYS A 49 -19.37 28.23 23.73
N ALA A 50 -18.14 27.93 23.33
CA ALA A 50 -17.37 26.86 23.96
C ALA A 50 -16.65 27.30 25.22
N TYR A 51 -16.57 28.61 25.47
CA TYR A 51 -15.96 29.07 26.71
C TYR A 51 -16.81 28.78 27.93
N ALA A 52 -18.09 28.46 27.74
CA ALA A 52 -18.99 28.21 28.86
C ALA A 52 -19.07 26.70 29.15
N LEU A 53 -17.92 26.12 29.41
CA LEU A 53 -17.78 24.74 29.82
C LEU A 53 -17.52 24.67 31.32
N PRO A 54 -17.79 23.54 31.96
CA PRO A 54 -17.54 23.44 33.40
C PRO A 54 -16.06 23.62 33.71
N LEU A 55 -15.79 24.34 34.80
CA LEU A 55 -14.43 24.60 35.25
C LEU A 55 -14.10 23.72 36.44
N CYS A 56 -12.83 23.37 36.57
CA CYS A 56 -12.32 22.61 37.71
C CYS A 56 -10.88 23.01 37.95
N GLU A 57 -10.44 22.88 39.20
CA GLU A 57 -9.10 23.28 39.61
C GLU A 57 -8.39 22.12 40.27
N LEU A 58 -7.11 21.93 39.93
CA LEU A 58 -6.31 20.86 40.52
C LEU A 58 -4.86 21.27 40.53
N PRO A 59 -4.12 20.95 41.59
CA PRO A 59 -2.70 21.31 41.67
C PRO A 59 -1.83 20.36 40.86
N TRP A 60 -0.53 20.67 40.86
CA TRP A 60 0.45 19.89 40.09
C TRP A 60 0.94 18.70 40.91
N ASP A 61 -0.02 17.97 41.46
CA ASP A 61 0.27 16.74 42.19
C ASP A 61 -0.57 15.57 41.74
N ASP A 62 -1.75 15.83 41.19
CA ASP A 62 -2.53 14.76 40.58
C ASP A 62 -1.98 14.39 39.21
N LEU A 63 -1.31 15.32 38.54
CA LEU A 63 -0.74 15.02 37.23
C LEU A 63 0.44 14.07 37.38
N GLY A 64 0.55 13.11 36.47
CA GLY A 64 1.64 12.16 36.49
C GLY A 64 2.75 12.51 35.51
N PRO A 65 3.47 11.49 35.06
CA PRO A 65 4.59 11.74 34.13
C PRO A 65 4.09 12.07 32.73
N MET A 66 4.83 12.97 32.07
CA MET A 66 4.42 13.43 30.75
C MET A 66 4.30 12.27 29.77
N LEU A 67 3.30 12.35 28.90
CA LEU A 67 2.93 11.25 28.04
C LEU A 67 3.02 11.60 26.56
N GLY A 68 3.00 12.87 26.22
CA GLY A 68 3.14 13.29 24.84
C GLY A 68 3.28 14.80 24.78
N SER A 69 3.93 15.26 23.72
CA SER A 69 4.23 16.69 23.57
C SER A 69 4.11 17.06 22.10
N GLY A 70 3.35 18.10 21.81
CA GLY A 70 3.22 18.63 20.48
C GLY A 70 3.82 20.03 20.35
N THR A 71 3.33 20.77 19.37
CA THR A 71 3.81 22.12 19.13
C THR A 71 3.10 23.16 20.00
N PHE A 72 1.95 22.80 20.59
CA PHE A 72 1.19 23.74 21.41
C PHE A 72 0.92 23.27 22.82
N GLY A 73 1.13 22.00 23.15
CA GLY A 73 0.82 21.56 24.50
C GLY A 73 1.50 20.27 24.86
N ARG A 74 1.37 19.92 26.13
CA ARG A 74 1.91 18.70 26.72
C ARG A 74 0.81 17.97 27.47
N VAL A 75 0.64 16.70 27.19
CA VAL A 75 -0.43 15.90 27.78
C VAL A 75 0.07 15.25 29.06
N TYR A 76 -0.80 15.16 30.05
CA TYR A 76 -0.48 14.60 31.36
C TYR A 76 -1.59 13.67 31.82
N PRO A 77 -1.29 12.42 32.17
CA PRO A 77 -2.29 11.59 32.83
C PRO A 77 -2.36 11.95 34.30
N LEU A 78 -3.57 11.89 34.86
CA LEU A 78 -3.80 12.35 36.22
C LEU A 78 -3.92 11.15 37.17
N ARG A 79 -2.93 11.00 38.04
CA ARG A 79 -2.98 10.07 39.16
C ARG A 79 -3.77 10.72 40.30
N ARG A 80 -4.08 9.91 41.32
CA ARG A 80 -4.90 10.38 42.44
C ARG A 80 -6.18 11.00 41.91
N PRO A 81 -7.15 10.20 41.49
CA PRO A 81 -8.25 10.70 40.67
C PRO A 81 -8.92 11.94 41.23
N ALA A 82 -9.25 12.86 40.35
CA ALA A 82 -9.82 14.16 40.68
C ALA A 82 -10.90 14.46 39.64
N CYS A 83 -11.30 15.73 39.57
CA CYS A 83 -12.34 16.18 38.64
C CYS A 83 -13.65 15.42 38.90
N THR A 84 -14.23 15.72 40.06
CA THR A 84 -15.52 15.13 40.46
C THR A 84 -16.62 15.32 39.43
N GLU A 85 -16.44 16.20 38.45
CA GLU A 85 -17.31 16.24 37.28
C GLU A 85 -17.25 14.94 36.48
N VAL A 86 -16.27 14.08 36.76
CA VAL A 86 -16.15 12.81 36.05
C VAL A 86 -16.97 11.71 36.72
N THR A 87 -17.08 11.71 38.05
CA THR A 87 -17.69 10.58 38.75
C THR A 87 -19.11 10.34 38.25
N LYS A 88 -19.86 11.41 38.00
CA LYS A 88 -21.15 11.28 37.34
C LYS A 88 -21.00 10.97 35.87
N GLY A 89 -19.85 11.27 35.29
CA GLY A 89 -19.69 11.28 33.85
C GLY A 89 -19.51 9.91 33.22
N PHE A 90 -18.55 9.80 32.32
CA PHE A 90 -18.46 8.64 31.44
C PHE A 90 -17.74 7.50 32.15
N VAL A 91 -18.41 6.36 32.25
CA VAL A 91 -17.80 5.20 32.89
C VAL A 91 -16.66 4.68 32.02
N GLY A 92 -15.66 4.08 32.66
CA GLY A 92 -14.44 3.75 31.95
C GLY A 92 -13.77 5.04 31.50
N ARG A 93 -13.18 5.00 30.31
CA ARG A 93 -12.77 6.21 29.60
C ARG A 93 -11.85 7.07 30.47
N LYS A 94 -10.65 6.55 30.71
CA LYS A 94 -9.62 7.30 31.42
C LYS A 94 -9.40 8.67 30.76
N PHE A 95 -8.95 9.63 31.56
CA PHE A 95 -8.83 11.02 31.15
C PHE A 95 -7.39 11.52 31.31
N ALA A 96 -7.14 12.70 30.75
CA ALA A 96 -5.80 13.29 30.77
C ALA A 96 -5.92 14.76 30.42
N VAL A 97 -5.18 15.61 31.12
CA VAL A 97 -5.21 17.04 30.87
C VAL A 97 -4.14 17.35 29.84
N LYS A 98 -4.20 18.54 29.24
CA LYS A 98 -3.10 19.00 28.39
C LYS A 98 -2.82 20.46 28.70
N ILE A 99 -1.62 20.73 29.21
CA ILE A 99 -1.21 22.10 29.49
C ILE A 99 -0.71 22.74 28.20
N PHE A 100 -1.11 23.99 27.98
CA PHE A 100 -0.74 24.71 26.77
C PHE A 100 0.64 25.32 26.95
N TRP A 101 1.58 24.88 26.12
CA TRP A 101 3.01 25.18 26.30
C TRP A 101 3.66 25.33 24.92
N LEU A 102 3.78 26.57 24.46
CA LEU A 102 4.26 26.85 23.10
C LEU A 102 5.71 26.44 22.91
N LYS A 103 5.97 25.57 21.94
CA LYS A 103 7.32 25.08 21.65
C LYS A 103 7.78 25.71 20.34
N ARG A 104 8.55 26.79 20.42
CA ARG A 104 9.03 27.47 19.23
C ARG A 104 10.28 28.27 19.61
N LYS A 105 11.43 27.87 19.08
CA LYS A 105 12.69 28.57 19.26
C LYS A 105 13.02 28.78 20.73
N GLY A 106 12.74 27.75 21.53
CA GLY A 106 13.15 27.67 22.93
C GLY A 106 12.91 28.91 23.77
N MET A 107 11.86 29.67 23.48
CA MET A 107 11.59 30.86 24.26
C MET A 107 10.97 30.56 25.61
N MET A 108 10.23 29.46 25.74
CA MET A 108 9.69 29.10 27.04
C MET A 108 10.80 28.64 27.97
N ASN A 109 11.82 27.97 27.42
CA ASN A 109 13.00 27.63 28.21
C ASN A 109 13.71 28.87 28.71
N LEU A 110 13.85 29.89 27.84
CA LEU A 110 14.46 31.14 28.26
C LEU A 110 13.66 31.80 29.37
N PHE A 111 12.34 31.88 29.20
CA PHE A 111 11.48 32.43 30.24
C PHE A 111 11.64 31.68 31.54
N ASP A 112 11.78 30.36 31.47
CA ASP A 112 11.94 29.56 32.69
C ASP A 112 13.27 29.85 33.37
N THR A 113 14.36 29.92 32.59
CA THR A 113 15.67 30.17 33.20
C THR A 113 15.75 31.58 33.79
N ILE A 114 15.00 32.53 33.22
CA ILE A 114 14.98 33.87 33.81
C ILE A 114 14.12 33.89 35.07
N SER A 115 12.93 33.28 35.03
CA SER A 115 12.03 33.35 36.16
C SER A 115 12.57 32.60 37.36
N GLN A 116 13.05 31.38 37.15
CA GLN A 116 13.56 30.56 38.25
C GLN A 116 14.70 31.27 38.97
N GLY A 117 15.58 31.92 38.22
CA GLY A 117 16.68 32.66 38.81
C GLY A 117 17.90 32.59 37.92
N GLY A 118 18.78 33.56 38.12
CA GLY A 118 19.99 33.61 37.32
C GLY A 118 19.79 34.40 36.04
N THR A 119 20.81 34.36 35.20
CA THR A 119 20.85 35.10 33.96
C THR A 119 21.06 34.15 32.80
N PRO A 120 20.34 34.32 31.70
CA PRO A 120 20.49 33.41 30.56
C PRO A 120 21.75 33.70 29.75
N SER A 121 22.11 32.74 28.90
CA SER A 121 23.24 32.93 28.01
C SER A 121 22.85 33.84 26.85
N ALA A 122 23.83 34.59 26.34
CA ALA A 122 23.57 35.50 25.23
C ALA A 122 23.50 34.75 23.90
N GLU A 123 23.80 33.46 23.92
CA GLU A 123 23.80 32.68 22.68
C GLU A 123 22.38 32.27 22.29
N GLN A 124 21.50 32.07 23.27
CA GLN A 124 20.14 31.66 22.96
C GLN A 124 19.25 32.87 22.68
N THR A 125 19.75 34.07 22.94
CA THR A 125 18.86 35.23 23.03
C THR A 125 18.68 35.94 21.69
N ASP A 126 19.78 36.29 21.02
CA ASP A 126 19.75 37.48 20.16
C ASP A 126 18.88 37.37 18.92
N PRO A 127 19.20 36.57 17.89
CA PRO A 127 18.46 36.72 16.63
C PRO A 127 17.09 36.05 16.60
N GLY A 128 17.06 34.77 16.95
CA GLY A 128 15.86 33.98 16.70
C GLY A 128 14.83 34.12 17.80
N THR A 129 15.27 34.09 19.05
CA THR A 129 14.34 34.26 20.15
C THR A 129 13.69 35.63 20.11
N ILE A 130 14.49 36.67 19.91
CA ILE A 130 13.93 38.02 19.86
C ILE A 130 13.05 38.19 18.63
N ALA A 131 13.44 37.58 17.50
CA ALA A 131 12.56 37.56 16.34
C ALA A 131 11.20 36.95 16.68
N ALA A 132 11.21 35.81 17.37
CA ALA A 132 9.97 35.09 17.64
C ALA A 132 9.07 35.85 18.62
N ILE A 133 9.63 36.35 19.72
CA ILE A 133 8.85 37.17 20.63
C ILE A 133 8.30 38.40 19.92
N LYS A 134 9.11 39.06 19.10
CA LYS A 134 8.63 40.23 18.38
C LYS A 134 7.48 39.87 17.45
N SER A 135 7.53 38.68 16.84
CA SER A 135 6.47 38.29 15.94
C SER A 135 5.21 37.83 16.66
N GLU A 136 5.34 37.33 17.89
CA GLU A 136 4.20 36.73 18.58
C GLU A 136 3.53 37.66 19.59
N ILE A 137 4.20 38.72 20.05
CA ILE A 137 3.50 39.70 20.86
C ILE A 137 2.53 40.51 20.03
N ARG A 138 2.85 40.82 18.79
CA ARG A 138 1.84 41.31 17.86
C ARG A 138 0.89 40.17 17.54
N SER A 139 -0.27 40.54 16.97
CA SER A 139 -1.33 39.57 16.70
C SER A 139 -1.81 38.90 17.98
N LEU A 140 -2.02 39.70 19.01
CA LEU A 140 -2.73 39.28 20.21
C LEU A 140 -4.14 39.82 20.12
N PRO A 141 -5.16 38.97 20.07
CA PRO A 141 -6.51 39.48 19.80
C PRO A 141 -7.04 40.29 20.96
N THR A 142 -6.38 41.41 21.26
CA THR A 142 -6.73 42.21 22.43
C THR A 142 -8.07 42.92 22.27
N SER A 143 -8.71 42.82 21.11
CA SER A 143 -10.01 43.45 20.93
C SER A 143 -11.09 42.68 21.68
N SER A 144 -10.98 41.36 21.70
CA SER A 144 -12.04 40.53 22.26
C SER A 144 -12.16 40.72 23.76
N SER A 145 -13.38 40.58 24.27
CA SER A 145 -13.61 40.62 25.71
C SER A 145 -13.40 39.27 26.37
N ALA A 146 -13.33 38.18 25.59
CA ALA A 146 -12.98 36.89 26.15
C ALA A 146 -11.51 36.80 26.50
N PHE A 147 -10.64 37.34 25.65
CA PHE A 147 -9.21 37.35 25.93
C PHE A 147 -8.84 38.29 27.08
N ARG A 148 -9.68 39.26 27.40
CA ARG A 148 -9.41 40.12 28.54
C ARG A 148 -9.95 39.56 29.85
N ASP A 149 -10.71 38.46 29.81
CA ASP A 149 -11.09 37.74 31.01
C ASP A 149 -10.26 36.48 31.22
N MET A 150 -9.86 35.80 30.14
CA MET A 150 -8.94 34.68 30.25
C MET A 150 -7.64 35.11 30.92
N VAL A 151 -7.14 36.30 30.60
CA VAL A 151 -5.91 36.79 31.20
C VAL A 151 -6.14 37.35 32.59
N ARG A 152 -7.33 37.87 32.88
CA ARG A 152 -7.66 38.37 34.21
C ARG A 152 -7.85 37.24 35.23
N ILE A 153 -8.36 36.09 34.80
CA ILE A 153 -8.49 34.94 35.69
C ILE A 153 -7.16 34.30 36.03
N ALA A 154 -6.24 34.18 35.08
CA ALA A 154 -4.94 33.57 35.32
C ALA A 154 -3.97 34.49 36.03
N ASP A 155 -4.09 35.80 35.83
CA ASP A 155 -3.19 36.74 36.49
C ASP A 155 -3.85 38.11 36.56
N PRO A 156 -4.41 38.49 37.71
CA PRO A 156 -5.19 39.73 37.77
C PRO A 156 -4.36 40.99 37.93
N THR A 157 -3.06 40.91 37.62
CA THR A 157 -2.18 42.06 37.75
C THR A 157 -1.70 42.64 36.42
N VAL A 158 -1.75 41.87 35.34
CA VAL A 158 -1.23 42.30 34.04
C VAL A 158 -2.28 43.13 33.33
N ASP A 159 -1.84 44.23 32.71
CA ASP A 159 -2.69 45.07 31.89
C ASP A 159 -2.37 44.82 30.42
N VAL A 160 -3.22 44.05 29.75
CA VAL A 160 -2.89 43.55 28.42
C VAL A 160 -2.86 44.66 27.38
N GLU A 161 -3.37 45.85 27.70
CA GLU A 161 -3.39 46.94 26.73
C GLU A 161 -2.07 47.69 26.66
N LYS A 162 -1.13 47.41 27.55
CA LYS A 162 0.21 47.99 27.48
C LYS A 162 1.22 47.10 26.78
N ILE A 163 0.93 45.79 26.66
CA ILE A 163 1.88 44.85 26.09
C ILE A 163 1.87 44.86 24.56
N LYS A 164 0.77 45.29 23.93
CA LYS A 164 0.78 45.49 22.49
C LYS A 164 1.44 46.79 22.09
N GLY A 165 1.80 47.64 23.05
CA GLY A 165 2.47 48.89 22.77
C GLY A 165 3.93 48.87 23.16
N MET A 166 4.26 48.23 24.29
CA MET A 166 5.65 48.20 24.74
C MET A 166 6.52 47.38 23.80
N ALA A 167 5.93 46.41 23.11
CA ALA A 167 6.72 45.55 22.23
C ALA A 167 7.23 46.33 21.02
N ASP A 168 6.48 47.34 20.58
CA ASP A 168 6.83 48.07 19.37
C ASP A 168 7.34 49.49 19.62
N SER A 169 7.05 50.07 20.78
CA SER A 169 7.57 51.40 21.08
C SER A 169 9.08 51.35 21.30
N LEU A 170 9.51 50.57 22.29
CA LEU A 170 10.92 50.26 22.49
C LEU A 170 11.11 48.76 22.28
N THR A 171 12.06 48.41 21.42
CA THR A 171 12.24 47.02 21.01
C THR A 171 12.43 46.13 22.24
N VAL A 172 12.03 44.87 22.10
CA VAL A 172 11.99 43.98 23.24
C VAL A 172 13.41 43.61 23.67
N GLU A 173 13.90 44.28 24.71
CA GLU A 173 15.07 43.80 25.45
C GLU A 173 14.86 44.00 26.95
N THR A 174 13.66 44.39 27.36
CA THR A 174 13.25 44.35 28.75
C THR A 174 12.82 42.96 29.19
N ILE A 175 13.16 41.94 28.39
CA ILE A 175 12.70 40.57 28.64
C ILE A 175 13.07 40.08 30.03
N MET A 176 14.12 40.66 30.63
CA MET A 176 14.56 40.22 31.93
C MET A 176 13.58 40.57 33.05
N LYS A 177 12.56 41.38 32.78
CA LYS A 177 11.61 41.77 33.82
C LYS A 177 10.15 41.52 33.47
N GLU A 178 9.83 41.14 32.24
CA GLU A 178 8.45 40.91 31.82
C GLU A 178 8.16 39.45 31.50
N ALA A 179 9.02 38.52 31.95
CA ALA A 179 8.82 37.12 31.58
C ALA A 179 7.56 36.54 32.21
N LYS A 180 7.30 36.88 33.47
CA LYS A 180 6.16 36.32 34.17
C LYS A 180 4.84 36.70 33.49
N THR A 181 4.84 37.81 32.77
CA THR A 181 3.64 38.23 32.07
C THR A 181 3.60 37.72 30.64
N LEU A 182 4.76 37.70 29.97
CA LEU A 182 4.80 37.19 28.60
C LEU A 182 4.37 35.73 28.55
N ARG A 183 4.77 34.95 29.55
CA ARG A 183 4.37 33.54 29.57
C ARG A 183 2.87 33.40 29.54
N THR A 184 2.18 34.04 30.49
CA THR A 184 0.74 33.89 30.58
C THR A 184 0.06 34.43 29.33
N VAL A 185 0.55 35.55 28.81
CA VAL A 185 -0.07 36.13 27.62
C VAL A 185 -0.01 35.15 26.44
N ILE A 186 1.16 34.58 26.19
CA ILE A 186 1.30 33.72 25.02
C ILE A 186 0.55 32.41 25.20
N ASN A 187 0.68 31.78 26.37
CA ASN A 187 0.00 30.51 26.57
C ASN A 187 -1.53 30.68 26.57
N THR A 188 -2.01 31.83 27.06
CA THR A 188 -3.44 32.08 27.03
C THR A 188 -3.91 32.37 25.61
N ASN A 189 -3.06 32.96 24.76
CA ASN A 189 -3.45 33.08 23.36
C ASN A 189 -3.57 31.71 22.69
N GLY A 190 -2.68 30.78 23.04
CA GLY A 190 -2.83 29.42 22.55
C GLY A 190 -4.13 28.78 22.99
N PHE A 191 -4.44 28.91 24.28
CA PHE A 191 -5.70 28.40 24.80
C PHE A 191 -6.90 29.03 24.10
N TYR A 192 -6.82 30.32 23.81
CA TYR A 192 -7.91 31.05 23.15
C TYR A 192 -8.15 30.49 21.75
N THR A 193 -7.08 30.21 21.01
CA THR A 193 -7.25 29.62 19.69
C THR A 193 -7.88 28.23 19.77
N GLU A 194 -7.41 27.40 20.70
CA GLU A 194 -7.97 26.06 20.82
C GLU A 194 -9.44 26.10 21.26
N VAL A 195 -9.84 27.14 21.99
CA VAL A 195 -11.24 27.27 22.40
C VAL A 195 -12.11 27.72 21.23
N GLY A 196 -11.60 28.63 20.39
CA GLY A 196 -12.35 29.01 19.20
C GLY A 196 -12.56 27.84 18.24
N GLU A 197 -11.56 26.97 18.14
CA GLU A 197 -11.68 25.80 17.26
C GLU A 197 -12.84 24.90 17.66
N THR A 198 -13.15 24.81 18.95
CA THR A 198 -14.27 24.00 19.44
C THR A 198 -15.58 24.76 19.41
N GLY A 199 -15.54 26.08 19.58
CA GLY A 199 -16.75 26.85 19.45
C GLY A 199 -17.34 26.79 18.06
N THR A 200 -16.47 26.81 17.04
CA THR A 200 -16.99 26.76 15.67
C THR A 200 -17.67 25.43 15.35
N ILE A 201 -17.55 24.43 16.23
CA ILE A 201 -18.23 23.15 16.05
C ILE A 201 -19.45 23.05 16.95
N PHE A 202 -19.36 23.56 18.18
CA PHE A 202 -20.55 23.59 19.03
C PHE A 202 -21.66 24.42 18.38
N THR A 203 -21.30 25.48 17.67
CA THR A 203 -22.30 26.28 16.97
C THR A 203 -23.04 25.46 15.93
N GLN A 204 -22.29 24.75 15.08
CA GLN A 204 -22.89 23.94 14.02
C GLN A 204 -23.65 22.75 14.55
N MET A 205 -23.27 22.20 15.70
CA MET A 205 -24.04 21.12 16.29
C MET A 205 -25.36 21.63 16.85
N GLU A 206 -25.34 22.80 17.48
CA GLU A 206 -26.60 23.37 17.97
C GLU A 206 -27.54 23.69 16.81
N LYS A 207 -26.99 24.18 15.70
CA LYS A 207 -27.83 24.48 14.54
C LYS A 207 -28.53 23.24 13.99
N PHE A 208 -28.01 22.05 14.25
CA PHE A 208 -28.58 20.79 13.77
C PHE A 208 -29.52 20.16 14.78
N VAL A 209 -29.22 20.24 16.08
CA VAL A 209 -30.10 19.65 17.09
C VAL A 209 -31.45 20.34 17.11
N GLN A 210 -31.52 21.60 16.69
CA GLN A 210 -32.79 22.30 16.62
C GLN A 210 -33.73 21.64 15.60
N ALA A 211 -33.23 21.42 14.38
CA ALA A 211 -34.10 21.05 13.28
C ALA A 211 -34.36 19.56 13.19
N HIS A 212 -33.42 18.73 13.64
CA HIS A 212 -33.50 17.29 13.42
C HIS A 212 -33.52 16.47 14.70
N ARG A 213 -33.85 17.06 15.84
CA ARG A 213 -34.02 16.29 17.07
C ARG A 213 -35.14 16.90 17.91
N PRO A 214 -36.28 16.25 18.01
CA PRO A 214 -37.35 16.78 18.85
C PRO A 214 -37.23 16.39 20.32
N GLU A 215 -36.61 15.23 20.61
CA GLU A 215 -36.57 14.77 21.99
C GLU A 215 -35.53 15.53 22.80
N ILE A 216 -34.36 15.79 22.22
CA ILE A 216 -33.29 16.45 22.94
C ILE A 216 -33.58 17.93 23.13
N TRP A 217 -34.10 18.59 22.11
CA TRP A 217 -34.29 20.04 22.14
C TRP A 217 -35.54 20.44 22.91
N SER A 218 -36.08 19.54 23.73
CA SER A 218 -37.13 19.85 24.68
C SER A 218 -36.60 19.99 26.09
N THR A 219 -35.30 19.77 26.29
CA THR A 219 -34.70 19.95 27.60
C THR A 219 -33.42 20.77 27.56
N LEU A 220 -32.96 21.20 26.39
CA LEU A 220 -31.82 22.11 26.28
C LEU A 220 -32.25 23.55 26.03
N SER A 221 -33.19 23.76 25.11
CA SER A 221 -33.63 25.10 24.78
C SER A 221 -34.39 25.78 25.91
N LYS A 222 -34.91 25.00 26.86
CA LYS A 222 -35.65 25.60 27.95
C LYS A 222 -34.74 26.51 28.77
N ALA A 223 -33.74 25.94 29.44
CA ALA A 223 -32.85 26.76 30.25
C ALA A 223 -31.52 26.06 30.48
N SER A 224 -30.47 26.51 29.80
CA SER A 224 -29.13 26.01 30.03
C SER A 224 -28.12 26.86 29.26
N GLN A 225 -26.94 27.04 29.85
CA GLN A 225 -25.81 27.60 29.11
C GLN A 225 -24.55 26.76 29.25
N GLU A 226 -24.35 26.12 30.40
CA GLU A 226 -23.26 25.19 30.62
C GLU A 226 -23.66 23.75 30.36
N ALA A 227 -24.86 23.35 30.80
CA ALA A 227 -25.38 22.05 30.42
C ALA A 227 -25.65 21.98 28.93
N GLN A 228 -26.05 23.11 28.34
CA GLN A 228 -26.24 23.19 26.90
C GLN A 228 -24.92 22.91 26.17
N ALA A 229 -23.80 23.26 26.78
CA ALA A 229 -22.49 23.07 26.16
C ALA A 229 -21.82 21.78 26.57
N SER A 230 -22.31 21.10 27.60
CA SER A 230 -21.83 19.79 27.97
C SER A 230 -22.56 18.68 27.21
N LYS A 231 -23.84 18.89 26.90
CA LYS A 231 -24.57 17.91 26.12
C LYS A 231 -23.96 17.73 24.74
N TYR A 232 -23.48 18.82 24.12
CA TYR A 232 -22.86 18.70 22.81
C TYR A 232 -21.58 17.87 22.88
N ALA A 233 -20.78 18.05 23.93
CA ALA A 233 -19.56 17.28 24.06
C ALA A 233 -19.88 15.80 24.29
N GLU A 234 -20.92 15.52 25.08
CA GLU A 234 -21.31 14.13 25.28
C GLU A 234 -21.80 13.49 23.99
N ILE A 235 -22.56 14.23 23.19
CA ILE A 235 -23.04 13.71 21.90
C ILE A 235 -21.86 13.48 20.96
N GLY A 236 -20.88 14.38 20.96
CA GLY A 236 -19.74 14.22 20.10
C GLY A 236 -18.84 13.06 20.49
N LEU A 237 -18.74 12.77 21.78
CA LEU A 237 -17.90 11.65 22.19
C LEU A 237 -18.61 10.30 22.07
N ALA A 238 -19.87 10.20 22.48
CA ALA A 238 -20.53 8.90 22.57
C ALA A 238 -21.22 8.50 21.26
N ASP A 239 -21.92 9.43 20.62
CA ASP A 239 -22.71 9.09 19.45
C ASP A 239 -21.91 9.15 18.16
N ASN A 240 -21.08 10.18 17.97
CA ASN A 240 -20.46 10.43 16.68
C ASN A 240 -19.02 9.95 16.57
N HIS A 241 -18.39 9.58 17.67
CA HIS A 241 -17.00 9.10 17.72
C HIS A 241 -15.99 10.19 17.39
N TRP A 242 -16.26 11.44 17.75
CA TRP A 242 -15.25 12.48 17.71
C TRP A 242 -14.51 12.51 19.04
N SER A 243 -13.65 13.51 19.22
CA SER A 243 -12.90 13.67 20.46
C SER A 243 -12.79 15.16 20.76
N LEU A 244 -13.62 15.64 21.68
CA LEU A 244 -13.74 17.06 22.01
C LEU A 244 -13.40 17.25 23.49
N PRO A 245 -13.05 18.47 23.89
CA PRO A 245 -12.79 18.72 25.32
C PRO A 245 -14.07 18.72 26.13
N LEU A 246 -13.93 18.37 27.40
CA LEU A 246 -15.07 18.18 28.28
C LEU A 246 -15.14 19.18 29.42
N ALA A 247 -14.02 19.71 29.88
CA ALA A 247 -14.00 20.67 30.97
C ALA A 247 -12.99 21.75 30.65
N ARG A 248 -12.77 22.63 31.62
CA ARG A 248 -11.94 23.81 31.46
C ARG A 248 -10.94 23.93 32.60
N VAL A 249 -10.22 22.84 32.88
CA VAL A 249 -9.40 22.77 34.08
C VAL A 249 -8.33 23.85 34.08
N LEU A 250 -7.98 24.33 35.28
CA LEU A 250 -7.01 25.39 35.48
C LEU A 250 -6.00 24.93 36.51
N VAL A 251 -4.76 24.71 36.07
CA VAL A 251 -3.73 24.04 36.88
C VAL A 251 -2.98 25.08 37.68
N LYS A 252 -2.69 24.77 38.94
CA LYS A 252 -1.99 25.68 39.84
C LYS A 252 -0.61 25.11 40.15
N ASP A 253 0.43 25.84 39.74
CA ASP A 253 1.79 25.37 39.86
C ASP A 253 2.30 25.49 41.29
N LYS A 254 3.50 24.96 41.53
CA LYS A 254 4.08 24.98 42.87
C LYS A 254 4.47 26.38 43.31
N ASN A 255 4.59 27.33 42.38
CA ASN A 255 5.03 28.69 42.67
C ASN A 255 3.90 29.70 42.46
N ASP A 256 2.66 29.23 42.42
CA ASP A 256 1.46 30.07 42.31
C ASP A 256 1.43 30.82 40.97
N VAL A 257 1.60 30.08 39.87
CA VAL A 257 1.39 30.60 38.53
C VAL A 257 0.41 29.66 37.82
N LYS A 258 -0.80 30.14 37.57
CA LYS A 258 -1.85 29.29 37.04
C LYS A 258 -1.74 29.17 35.53
N HIS A 259 -1.85 27.94 35.04
CA HIS A 259 -1.86 27.64 33.62
C HIS A 259 -3.23 27.15 33.21
N TRP A 260 -3.57 27.37 31.94
CA TRP A 260 -4.83 26.94 31.39
C TRP A 260 -4.66 25.58 30.72
N ALA A 261 -5.72 24.79 30.73
CA ALA A 261 -5.66 23.43 30.22
C ALA A 261 -7.06 22.99 29.82
N LEU A 262 -7.14 21.84 29.16
CA LEU A 262 -8.41 21.25 28.77
C LEU A 262 -8.42 19.78 29.17
N LEU A 263 -9.60 19.25 29.41
CA LEU A 263 -9.74 17.86 29.86
C LEU A 263 -10.17 16.97 28.70
N ILE A 264 -9.18 16.49 27.95
CA ILE A 264 -9.44 15.60 26.84
C ILE A 264 -9.59 14.15 27.33
N GLU A 265 -10.04 13.28 26.44
CA GLU A 265 -10.08 11.85 26.70
C GLU A 265 -8.72 11.22 26.37
N LEU A 266 -8.48 10.04 26.94
CA LEU A 266 -7.21 9.34 26.81
C LEU A 266 -7.41 8.05 26.03
N PHE A 267 -6.69 7.91 24.92
CA PHE A 267 -6.71 6.73 24.08
C PHE A 267 -5.36 6.04 24.16
N ASP A 268 -5.20 4.96 23.40
CA ASP A 268 -3.86 4.45 23.11
C ASP A 268 -3.22 5.21 21.95
N GLY A 269 -4.00 5.51 20.93
CA GLY A 269 -3.78 6.67 20.05
C GLY A 269 -2.80 6.41 18.93
N ASP A 270 -2.85 7.29 17.93
CA ASP A 270 -1.81 7.40 16.92
C ASP A 270 -1.62 6.11 16.14
N LEU A 271 -2.57 5.80 15.24
CA LEU A 271 -2.49 4.58 14.43
C LEU A 271 -1.24 4.52 13.54
N GLN A 272 -0.39 5.51 13.61
CA GLN A 272 0.87 5.53 12.86
C GLN A 272 1.97 4.82 13.66
N PRO A 273 2.60 3.79 13.11
CA PRO A 273 3.64 3.07 13.85
C PRO A 273 5.01 3.75 13.72
N LYS A 274 5.95 3.25 14.53
CA LYS A 274 7.31 3.79 14.59
C LYS A 274 8.22 3.01 13.67
N THR A 275 9.20 3.70 13.09
CA THR A 275 10.12 3.07 12.16
C THR A 275 11.40 2.62 12.87
N ASP A 276 12.20 1.83 12.16
CA ASP A 276 13.47 1.36 12.69
C ASP A 276 14.59 2.27 12.22
N LYS A 277 15.61 2.39 13.07
CA LYS A 277 16.74 3.27 12.80
C LYS A 277 18.08 2.55 12.73
N THR A 278 18.17 1.31 13.20
CA THR A 278 19.43 0.59 13.16
C THR A 278 19.74 0.01 11.78
N GLY A 279 18.72 -0.17 10.94
CA GLY A 279 18.94 -0.65 9.59
C GLY A 279 18.92 -2.15 9.41
N TYR A 280 18.60 -2.91 10.44
CA TYR A 280 18.62 -4.37 10.31
C TYR A 280 17.26 -4.98 10.03
N SER A 281 16.18 -4.21 10.18
CA SER A 281 14.84 -4.72 9.91
C SER A 281 14.48 -4.49 8.45
N LEU A 282 14.04 -5.56 7.78
CA LEU A 282 13.76 -5.48 6.35
C LEU A 282 12.38 -4.90 6.06
N ASP A 283 11.46 -4.93 7.03
CA ASP A 283 10.36 -3.98 7.06
C ASP A 283 10.62 -3.00 8.19
N GLY A 284 10.44 -1.71 7.92
CA GLY A 284 10.95 -0.68 8.79
C GLY A 284 10.45 -0.68 10.22
N TRP A 285 9.65 -1.66 10.61
CA TRP A 285 9.07 -1.70 11.94
C TRP A 285 10.15 -1.70 13.02
N ASN A 286 10.08 -0.71 13.91
CA ASN A 286 10.93 -0.72 15.09
C ASN A 286 10.60 -1.92 15.96
N ALA A 287 11.60 -2.77 16.19
CA ALA A 287 11.38 -4.02 16.88
C ALA A 287 11.19 -3.86 18.38
N LYS A 288 11.42 -2.67 18.93
CA LYS A 288 11.38 -2.47 20.37
C LYS A 288 10.65 -1.19 20.77
N SER A 289 9.67 -0.73 19.99
CA SER A 289 9.02 0.53 20.29
C SER A 289 7.99 0.42 21.40
N GLY A 290 7.60 -0.78 21.80
CA GLY A 290 6.67 -0.93 22.90
C GLY A 290 5.23 -0.65 22.52
N GLY A 291 5.01 0.38 21.71
CA GLY A 291 3.68 0.69 21.22
C GLY A 291 3.30 0.02 19.92
N ASN A 292 4.25 -0.65 19.26
CA ASN A 292 3.98 -1.37 18.02
C ASN A 292 3.41 -2.75 18.24
N VAL A 293 3.68 -3.37 19.41
CA VAL A 293 3.29 -4.76 19.65
C VAL A 293 1.80 -4.98 19.40
N VAL A 294 0.96 -3.99 19.69
CA VAL A 294 -0.46 -4.15 19.43
C VAL A 294 -0.79 -3.78 18.00
N LEU A 295 -0.17 -2.72 17.46
CA LEU A 295 -0.42 -2.36 16.07
C LEU A 295 -0.04 -3.48 15.12
N ARG A 296 1.05 -4.20 15.43
CA ARG A 296 1.47 -5.31 14.60
C ARG A 296 0.45 -6.43 14.59
N GLU A 297 -0.43 -6.50 15.59
CA GLU A 297 -1.50 -7.50 15.56
C GLU A 297 -2.67 -7.07 14.70
N ILE A 298 -2.85 -5.77 14.49
CA ILE A 298 -3.97 -5.30 13.68
C ILE A 298 -3.61 -5.33 12.19
N PHE A 299 -2.45 -4.77 11.85
CA PHE A 299 -2.06 -4.62 10.46
C PHE A 299 -1.55 -5.90 9.83
N SER A 300 -1.55 -7.02 10.55
CA SER A 300 -1.07 -8.29 10.04
C SER A 300 -2.18 -9.29 9.76
N SER A 301 -3.35 -9.12 10.35
CA SER A 301 -4.44 -10.04 10.13
C SER A 301 -5.46 -9.46 9.16
N ARG A 302 -6.25 -10.34 8.56
CA ARG A 302 -7.20 -9.92 7.54
C ARG A 302 -8.54 -9.52 8.14
N GLU A 303 -8.99 -10.23 9.18
CA GLU A 303 -10.28 -9.92 9.78
C GLU A 303 -10.25 -8.58 10.50
N ALA A 304 -9.18 -8.31 11.25
CA ALA A 304 -9.09 -7.06 11.97
C ALA A 304 -9.00 -5.87 11.02
N LEU A 305 -8.36 -6.06 9.86
CA LEU A 305 -8.25 -4.99 8.89
C LEU A 305 -9.58 -4.76 8.18
N ILE A 306 -10.31 -5.83 7.88
CA ILE A 306 -11.64 -5.66 7.27
C ILE A 306 -12.58 -4.97 8.24
N GLY A 307 -12.45 -5.23 9.55
CA GLY A 307 -13.26 -4.51 10.51
C GLY A 307 -12.87 -3.05 10.64
N LEU A 308 -11.57 -2.77 10.68
CA LEU A 308 -11.09 -1.40 10.80
C LEU A 308 -11.49 -0.54 9.61
N THR A 309 -11.46 -1.11 8.40
CA THR A 309 -11.80 -0.33 7.22
C THR A 309 -13.22 0.22 7.29
N SER A 310 -14.16 -0.54 7.86
CA SER A 310 -15.53 -0.06 7.96
C SER A 310 -15.75 0.79 9.21
N LYS A 311 -15.02 0.53 10.29
CA LYS A 311 -15.13 1.37 11.47
C LYS A 311 -14.54 2.75 11.25
N LEU A 312 -13.63 2.91 10.29
CA LEU A 312 -12.89 4.15 10.14
C LEU A 312 -13.60 5.19 9.29
N VAL A 313 -14.72 4.87 8.66
CA VAL A 313 -15.44 5.82 7.81
C VAL A 313 -16.61 6.46 8.54
N LYS A 314 -17.04 5.91 9.67
CA LYS A 314 -18.21 6.43 10.38
C LYS A 314 -18.10 7.90 10.77
N PRO A 315 -17.03 8.36 11.45
CA PRO A 315 -17.01 9.77 11.88
C PRO A 315 -17.14 10.77 10.75
N PHE A 316 -16.48 10.52 9.61
CA PHE A 316 -16.49 11.49 8.53
C PHE A 316 -17.79 11.46 7.75
N VAL A 317 -18.42 10.30 7.61
CA VAL A 317 -19.75 10.23 7.02
C VAL A 317 -20.74 11.03 7.86
N VAL A 318 -20.74 10.80 9.18
CA VAL A 318 -21.61 11.57 10.07
C VAL A 318 -21.35 13.06 9.90
N MET A 319 -20.07 13.44 9.95
CA MET A 319 -19.67 14.84 9.89
C MET A 319 -20.11 15.52 8.60
N GLN A 320 -20.05 14.83 7.48
CA GLN A 320 -20.34 15.47 6.21
C GLN A 320 -21.81 15.42 5.82
N ASN A 321 -22.52 14.35 6.16
CA ASN A 321 -23.89 14.23 5.69
C ASN A 321 -24.91 14.70 6.72
N LEU A 322 -24.66 14.52 8.01
CA LEU A 322 -25.62 14.99 9.01
C LEU A 322 -25.39 16.47 9.32
N TYR A 323 -24.22 16.80 9.85
CA TYR A 323 -23.82 18.18 10.03
C TYR A 323 -23.14 18.68 8.75
N SER A 324 -22.99 20.00 8.64
CA SER A 324 -22.46 20.52 7.39
C SER A 324 -20.94 20.56 7.36
N LEU A 325 -20.28 20.56 8.52
CA LEU A 325 -18.86 20.83 8.55
C LEU A 325 -18.06 19.68 7.95
N GLY A 326 -16.83 20.00 7.54
CA GLY A 326 -15.92 19.01 7.02
C GLY A 326 -14.56 19.12 7.68
N HIS A 327 -13.85 18.00 7.73
CA HIS A 327 -12.59 17.86 8.44
C HIS A 327 -11.48 17.81 7.41
N PHE A 328 -10.61 18.82 7.40
CA PHE A 328 -9.71 18.99 6.26
C PHE A 328 -8.26 18.67 6.59
N ALA A 329 -8.00 17.88 7.63
CA ALA A 329 -6.66 17.34 7.87
C ALA A 329 -6.80 15.88 8.30
N ILE A 330 -6.91 14.97 7.32
CA ILE A 330 -7.00 13.54 7.58
C ILE A 330 -5.66 12.91 7.26
N LYS A 331 -5.10 12.20 8.22
CA LYS A 331 -3.82 11.53 8.06
C LYS A 331 -3.65 10.55 9.22
N PRO A 332 -2.82 9.52 9.06
CA PRO A 332 -2.71 8.47 10.07
C PRO A 332 -2.44 9.00 11.47
N PRO A 333 -1.60 10.03 11.66
CA PRO A 333 -1.35 10.52 13.02
C PRO A 333 -2.57 11.13 13.71
N ASN A 334 -3.63 11.46 12.98
CA ASN A 334 -4.79 12.13 13.56
C ASN A 334 -5.93 11.18 13.91
N LEU A 335 -5.76 9.88 13.74
CA LEU A 335 -6.79 8.93 14.10
C LEU A 335 -6.37 8.19 15.37
N LEU A 336 -7.30 8.03 16.30
CA LEU A 336 -7.00 7.50 17.62
C LEU A 336 -7.71 6.18 17.80
N TYR A 337 -7.10 5.26 18.55
CA TYR A 337 -7.63 3.91 18.68
C TYR A 337 -7.63 3.46 20.13
N LYS A 338 -8.35 2.36 20.37
CA LYS A 338 -8.48 1.79 21.70
C LYS A 338 -8.77 0.30 21.54
N TYR A 339 -8.01 -0.55 22.24
CA TYR A 339 -7.97 -1.96 21.84
C TYR A 339 -8.85 -2.89 22.68
N PHE A 340 -8.75 -2.85 24.02
CA PHE A 340 -9.49 -3.79 24.85
C PHE A 340 -9.19 -5.24 24.45
N PRO A 341 -8.04 -5.78 24.84
CA PRO A 341 -7.57 -7.05 24.25
C PRO A 341 -8.58 -8.18 24.24
N GLY A 342 -9.37 -8.34 25.30
CA GLY A 342 -10.33 -9.41 25.33
C GLY A 342 -9.70 -10.79 25.21
N GLU A 343 -8.96 -11.20 26.24
CA GLU A 343 -8.20 -12.44 26.14
C GLU A 343 -9.08 -13.67 26.36
N LYS A 344 -9.80 -13.73 27.47
CA LYS A 344 -10.57 -14.92 27.84
C LYS A 344 -12.06 -14.59 27.92
N GLY A 345 -12.88 -15.48 27.37
CA GLY A 345 -14.32 -15.36 27.44
C GLY A 345 -14.95 -14.27 26.61
N ARG A 346 -14.15 -13.45 25.91
CA ARG A 346 -14.66 -12.35 25.13
C ARG A 346 -13.86 -12.27 23.84
N ALA A 347 -14.00 -11.17 23.12
CA ALA A 347 -13.25 -10.95 21.89
C ALA A 347 -12.66 -9.54 21.88
N SER A 348 -11.62 -9.36 21.09
CA SER A 348 -10.96 -8.07 20.98
C SER A 348 -11.86 -7.09 20.24
N ARG A 349 -12.24 -6.00 20.90
CA ARG A 349 -13.12 -5.00 20.32
C ARG A 349 -12.34 -3.70 20.12
N LEU A 350 -12.10 -3.34 18.87
CA LEU A 350 -11.37 -2.13 18.54
C LEU A 350 -12.32 -0.95 18.44
N SER A 351 -11.86 0.22 18.89
CA SER A 351 -12.63 1.46 18.79
C SER A 351 -11.75 2.54 18.19
N VAL A 352 -12.35 3.40 17.37
CA VAL A 352 -11.62 4.41 16.61
C VAL A 352 -12.32 5.76 16.75
N ALA A 353 -11.52 6.82 16.84
CA ALA A 353 -12.04 8.18 16.95
C ALA A 353 -11.21 9.11 16.07
N ALA A 354 -11.79 10.28 15.77
CA ALA A 354 -11.16 11.29 14.94
C ALA A 354 -10.58 12.38 15.83
N GLY A 355 -9.28 12.65 15.69
CA GLY A 355 -8.56 13.46 16.64
C GLY A 355 -8.59 14.98 16.54
N ASP A 356 -8.04 15.55 15.47
CA ASP A 356 -7.67 16.95 15.45
C ASP A 356 -8.63 17.80 14.62
N PHE A 357 -9.13 18.88 15.21
CA PHE A 357 -10.14 19.73 14.59
C PHE A 357 -9.60 21.14 14.34
N GLY A 358 -8.37 21.24 13.84
CA GLY A 358 -7.77 22.55 13.66
C GLY A 358 -8.22 23.27 12.40
N MET A 359 -8.58 22.53 11.36
CA MET A 359 -8.91 23.12 10.07
C MET A 359 -10.35 22.88 9.64
N ALA A 360 -11.20 22.36 10.53
CA ALA A 360 -12.57 22.07 10.17
C ALA A 360 -13.32 23.35 9.79
N GLY A 361 -14.17 23.26 8.78
CA GLY A 361 -14.94 24.41 8.34
C GLY A 361 -16.19 23.98 7.62
N LEU A 362 -17.08 24.93 7.43
CA LEU A 362 -18.33 24.65 6.72
C LEU A 362 -18.05 24.31 5.26
N LEU A 363 -18.85 23.40 4.72
CA LEU A 363 -18.71 23.03 3.32
C LEU A 363 -19.19 24.17 2.43
N HIS A 364 -18.57 24.28 1.26
CA HIS A 364 -18.91 25.30 0.26
C HIS A 364 -18.67 26.71 0.78
N GLY A 365 -17.87 26.83 1.83
CA GLY A 365 -17.41 28.13 2.31
C GLY A 365 -15.96 28.32 1.93
N ASP A 366 -15.48 29.55 2.05
CA ASP A 366 -14.11 29.84 1.63
C ASP A 366 -13.10 29.18 2.57
N MET A 367 -11.95 28.84 2.02
CA MET A 367 -10.97 28.01 2.70
C MET A 367 -9.58 28.62 2.52
N ILE A 368 -8.60 28.03 3.20
CA ILE A 368 -7.20 28.42 3.12
C ILE A 368 -6.37 27.16 2.97
N LEU A 369 -5.42 27.18 2.04
CA LEU A 369 -4.58 26.02 1.74
C LEU A 369 -3.50 25.87 2.81
N ARG A 370 -3.64 24.86 3.68
CA ARG A 370 -2.68 24.68 4.77
C ARG A 370 -2.31 23.24 5.07
N GLY A 371 -2.76 22.26 4.30
CA GLY A 371 -2.62 20.87 4.68
C GLY A 371 -1.20 20.33 4.54
N THR A 372 -1.11 19.00 4.58
CA THR A 372 0.11 18.26 4.34
C THR A 372 0.16 17.80 2.89
N LEU A 373 1.36 17.86 2.29
CA LEU A 373 1.46 17.82 0.84
C LEU A 373 1.10 16.45 0.27
N ALA A 374 1.45 15.37 0.97
CA ALA A 374 1.25 14.04 0.40
C ALA A 374 -0.22 13.66 0.30
N PHE A 375 -1.12 14.40 0.95
CA PHE A 375 -2.53 14.06 0.98
C PHE A 375 -3.40 15.10 0.31
N MET A 376 -2.82 16.11 -0.34
CA MET A 376 -3.60 17.14 -0.99
C MET A 376 -4.17 16.62 -2.30
N ALA A 377 -5.46 16.86 -2.50
CA ALA A 377 -6.08 16.48 -3.77
C ALA A 377 -5.42 17.26 -4.91
N PRO A 378 -5.28 16.65 -6.09
CA PRO A 378 -4.62 17.38 -7.19
C PRO A 378 -5.44 18.51 -7.77
N GLU A 379 -6.74 18.61 -7.45
CA GLU A 379 -7.55 19.69 -8.01
C GLU A 379 -7.51 20.96 -7.17
N MET A 380 -6.80 20.95 -6.04
CA MET A 380 -6.59 22.17 -5.27
C MET A 380 -5.32 22.90 -5.66
N GLU A 381 -4.69 22.55 -6.78
CA GLU A 381 -3.32 22.97 -7.02
C GLU A 381 -3.27 24.43 -7.47
N ARG A 382 -3.89 24.76 -8.60
CA ARG A 382 -3.89 26.16 -9.00
C ARG A 382 -4.91 26.94 -8.19
N VAL A 383 -6.19 26.63 -8.37
CA VAL A 383 -7.26 27.39 -7.73
C VAL A 383 -8.56 26.63 -7.94
N SER A 384 -9.52 26.82 -7.04
CA SER A 384 -10.90 26.38 -7.26
C SER A 384 -11.82 27.50 -6.77
N GLY A 385 -12.09 28.47 -7.64
CA GLY A 385 -12.93 29.61 -7.30
C GLY A 385 -12.54 30.31 -6.02
N GLY A 386 -11.24 30.47 -5.79
CA GLY A 386 -10.75 30.93 -4.52
C GLY A 386 -10.58 29.83 -3.50
N LEU A 387 -10.60 28.57 -3.94
CA LEU A 387 -10.44 27.41 -3.08
C LEU A 387 -11.56 27.37 -2.02
N VAL A 388 -12.76 27.12 -2.52
CA VAL A 388 -13.90 26.85 -1.66
C VAL A 388 -13.79 25.42 -1.12
N ALA A 389 -14.37 25.18 0.06
CA ALA A 389 -14.25 23.90 0.74
C ALA A 389 -15.27 22.92 0.15
N LYS A 390 -14.78 22.00 -0.67
CA LYS A 390 -15.63 21.01 -1.34
C LYS A 390 -15.59 19.69 -0.59
N PRO A 391 -16.64 18.87 -0.72
CA PRO A 391 -16.66 17.59 0.00
C PRO A 391 -15.76 16.52 -0.59
N SER A 392 -15.24 16.72 -1.79
CA SER A 392 -14.42 15.71 -2.46
C SER A 392 -12.96 15.77 -2.05
N TYR A 393 -12.57 16.77 -1.26
CA TYR A 393 -11.19 16.83 -0.79
C TYR A 393 -10.93 15.83 0.33
N ASP A 394 -11.99 15.30 0.94
CA ASP A 394 -11.84 14.40 2.09
C ASP A 394 -11.87 12.95 1.68
N VAL A 395 -12.46 12.62 0.53
CA VAL A 395 -12.50 11.22 0.10
C VAL A 395 -11.13 10.79 -0.40
N TYR A 396 -10.35 11.71 -0.96
CA TYR A 396 -9.00 11.41 -1.42
C TYR A 396 -8.11 11.02 -0.23
N ALA A 397 -8.11 11.84 0.81
CA ALA A 397 -7.25 11.65 1.97
C ALA A 397 -7.58 10.40 2.77
N LEU A 398 -8.81 9.90 2.72
CA LEU A 398 -9.08 8.58 3.30
C LEU A 398 -8.65 7.43 2.43
N ALA A 399 -8.76 7.55 1.11
CA ALA A 399 -8.23 6.50 0.26
C ALA A 399 -6.74 6.32 0.50
N LEU A 400 -6.00 7.42 0.55
CA LEU A 400 -4.57 7.32 0.83
C LEU A 400 -4.31 6.76 2.23
N THR A 401 -5.10 7.18 3.22
CA THR A 401 -4.89 6.72 4.58
C THR A 401 -5.14 5.22 4.72
N LEU A 402 -6.19 4.70 4.09
CA LEU A 402 -6.50 3.28 4.16
C LEU A 402 -5.50 2.44 3.36
N ALA A 403 -5.13 2.91 2.17
CA ALA A 403 -4.06 2.23 1.45
C ALA A 403 -2.76 2.23 2.24
N SER A 404 -2.53 3.21 3.10
CA SER A 404 -1.37 3.19 3.97
C SER A 404 -1.48 2.18 5.10
N PHE A 405 -2.68 1.70 5.41
CA PHE A 405 -2.87 0.66 6.42
C PHE A 405 -2.80 -0.73 5.84
N TRP A 406 -3.23 -0.91 4.59
CA TRP A 406 -3.18 -2.25 4.02
C TRP A 406 -1.78 -2.63 3.54
N THR A 407 -0.89 -1.66 3.34
CA THR A 407 0.48 -1.93 2.93
C THR A 407 1.49 -1.67 4.04
N ALA A 408 1.10 -1.81 5.30
CA ALA A 408 1.98 -1.45 6.41
C ALA A 408 2.83 -2.59 6.91
N ALA A 409 2.29 -3.79 7.06
CA ALA A 409 3.10 -4.90 7.53
C ALA A 409 4.08 -5.39 6.47
N THR A 410 3.99 -4.86 5.26
CA THR A 410 4.91 -5.15 4.17
C THR A 410 5.58 -3.85 3.78
N GLU A 411 6.86 -3.69 4.11
CA GLU A 411 7.64 -2.52 3.71
C GLU A 411 7.02 -1.23 4.27
N LEU A 412 7.11 -1.08 5.58
CA LEU A 412 6.91 0.22 6.20
C LEU A 412 8.13 1.10 5.94
N ARG A 413 7.90 2.29 5.39
CA ARG A 413 8.98 3.23 5.12
C ARG A 413 8.67 4.57 5.77
N ASP A 414 9.64 5.48 5.71
CA ASP A 414 9.46 6.79 6.31
C ASP A 414 8.76 7.75 5.35
N HIS A 415 8.88 7.49 4.05
CA HIS A 415 8.15 8.24 3.04
C HIS A 415 7.09 7.36 2.39
N TYR A 416 5.99 7.97 2.00
CA TYR A 416 4.84 7.23 1.49
C TYR A 416 5.15 6.62 0.12
N PRO A 417 4.50 5.51 -0.22
CA PRO A 417 4.88 4.82 -1.46
C PRO A 417 4.53 5.58 -2.72
N TRP A 418 3.39 6.25 -2.76
CA TRP A 418 2.95 6.88 -4.00
C TRP A 418 3.77 8.12 -4.35
N VAL A 419 4.57 8.64 -3.43
CA VAL A 419 5.41 9.79 -3.74
C VAL A 419 6.84 9.37 -4.08
N GLU A 420 7.32 8.28 -3.48
CA GLU A 420 8.67 7.82 -3.76
C GLU A 420 8.76 6.84 -4.92
N LYS A 421 7.64 6.27 -5.35
CA LYS A 421 7.68 5.30 -6.44
C LYS A 421 6.90 5.74 -7.66
N CYS A 422 5.92 6.63 -7.51
CA CYS A 422 5.02 6.99 -8.60
C CYS A 422 5.13 8.44 -9.03
N ILE A 423 5.26 9.37 -8.10
CA ILE A 423 5.21 10.79 -8.45
C ILE A 423 6.59 11.34 -8.77
N LYS A 424 7.53 11.16 -7.85
CA LYS A 424 8.82 11.83 -7.98
C LYS A 424 9.66 11.34 -9.16
N PRO A 425 9.79 10.03 -9.43
CA PRO A 425 10.51 9.62 -10.65
C PRO A 425 9.85 10.09 -11.93
N THR A 426 8.56 10.41 -11.92
CA THR A 426 7.92 10.98 -13.10
C THR A 426 8.21 12.46 -13.20
N LEU A 427 8.16 13.18 -12.07
CA LEU A 427 8.46 14.60 -12.07
C LEU A 427 9.90 14.86 -12.49
N LYS A 428 10.80 13.93 -12.20
CA LYS A 428 12.19 14.14 -12.57
C LYS A 428 12.43 14.09 -14.07
N LYS A 429 11.56 13.44 -14.83
CA LYS A 429 11.89 13.16 -16.24
C LYS A 429 11.55 14.33 -17.16
N MET A 430 10.27 14.60 -17.37
CA MET A 430 9.87 15.43 -18.51
C MET A 430 9.67 16.90 -18.11
N LYS A 431 10.63 17.47 -17.41
CA LYS A 431 10.58 18.88 -17.02
C LYS A 431 11.84 19.22 -16.25
N ASP A 432 12.09 20.52 -16.13
CA ASP A 432 13.09 21.02 -15.20
C ASP A 432 12.44 21.40 -13.86
N ALA A 433 11.71 20.45 -13.27
CA ALA A 433 10.98 20.71 -12.02
C ALA A 433 10.97 19.44 -11.17
N PRO A 434 12.09 19.13 -10.51
CA PRO A 434 12.11 18.00 -9.58
C PRO A 434 11.67 18.34 -8.17
N GLU A 435 11.11 19.53 -7.96
CA GLU A 435 10.83 20.04 -6.62
C GLU A 435 9.38 19.74 -6.24
N PHE A 436 9.19 18.72 -5.41
CA PHE A 436 7.88 18.31 -4.91
C PHE A 436 7.73 18.89 -3.50
N THR A 437 7.45 20.19 -3.44
CA THR A 437 7.37 20.91 -2.18
C THR A 437 6.05 21.66 -2.11
N PHE A 438 5.77 22.21 -0.92
CA PHE A 438 4.52 22.94 -0.73
C PHE A 438 4.60 24.33 -1.34
N LEU A 439 5.78 24.93 -1.40
CA LEU A 439 5.92 26.25 -1.98
C LEU A 439 5.64 26.23 -3.47
N ARG A 440 5.98 25.13 -4.14
CA ARG A 440 5.65 24.97 -5.56
C ARG A 440 4.20 24.54 -5.75
N PHE A 441 3.57 23.99 -4.72
CA PHE A 441 2.17 23.58 -4.80
C PHE A 441 1.23 24.77 -4.60
N ALA A 442 1.63 25.73 -3.77
CA ALA A 442 0.74 26.83 -3.44
C ALA A 442 0.97 28.05 -4.33
N SER A 443 2.14 28.14 -4.96
CA SER A 443 2.48 29.32 -5.74
C SER A 443 1.47 29.56 -6.85
N LYS A 444 1.40 30.82 -7.29
CA LYS A 444 0.49 31.22 -8.35
C LYS A 444 1.15 31.15 -9.72
N THR A 445 2.44 31.43 -9.80
CA THR A 445 3.16 31.44 -11.07
C THR A 445 4.07 30.22 -11.16
N GLY A 446 4.21 29.67 -12.36
CA GLY A 446 5.13 28.57 -12.58
C GLY A 446 4.49 27.42 -13.32
N PRO A 447 5.28 26.37 -13.58
CA PRO A 447 4.70 25.14 -14.13
C PRO A 447 3.96 24.37 -13.06
N LYS A 448 2.77 23.89 -13.39
CA LYS A 448 1.96 23.16 -12.44
C LYS A 448 2.69 21.92 -11.95
N LEU A 449 2.13 21.28 -10.94
CA LEU A 449 2.77 20.12 -10.34
C LEU A 449 2.12 18.80 -10.75
N TYR A 450 0.85 18.83 -11.17
CA TYR A 450 0.12 17.63 -11.58
C TYR A 450 -0.39 17.75 -13.02
N GLU A 451 0.43 18.26 -13.92
CA GLU A 451 -0.09 18.68 -15.21
C GLU A 451 -0.62 17.56 -16.10
N ALA A 452 0.24 16.72 -16.66
CA ALA A 452 -0.22 15.78 -17.68
C ALA A 452 0.14 14.33 -17.38
N ASP A 453 1.40 14.08 -17.02
CA ASP A 453 1.88 12.73 -16.84
C ASP A 453 1.90 12.31 -15.38
N THR A 454 2.02 13.26 -14.46
CA THR A 454 1.91 12.92 -13.05
C THR A 454 0.51 12.44 -12.69
N ILE A 455 -0.51 12.96 -13.35
CA ILE A 455 -1.87 12.49 -13.14
C ILE A 455 -2.03 11.06 -13.64
N TYR A 456 -1.44 10.75 -14.80
CA TYR A 456 -1.51 9.38 -15.30
C TYR A 456 -0.73 8.41 -14.41
N ALA A 457 0.42 8.85 -13.89
CA ALA A 457 1.17 8.01 -12.97
C ALA A 457 0.41 7.76 -11.68
N LEU A 458 -0.25 8.79 -11.14
CA LEU A 458 -1.07 8.60 -9.96
C LEU A 458 -2.24 7.66 -10.23
N SER A 459 -2.85 7.77 -11.41
CA SER A 459 -3.94 6.86 -11.75
C SER A 459 -3.46 5.42 -11.84
N THR A 460 -2.32 5.19 -12.48
CA THR A 460 -1.75 3.87 -12.62
C THR A 460 -1.24 3.29 -11.29
N CYS A 461 -0.89 4.16 -10.34
CA CYS A 461 -0.26 3.70 -9.09
C CYS A 461 -1.19 2.80 -8.29
N PHE A 462 -2.49 3.04 -8.33
CA PHE A 462 -3.44 2.30 -7.51
C PHE A 462 -4.22 1.24 -8.27
N ALA A 463 -4.19 1.25 -9.60
CA ALA A 463 -4.87 0.25 -10.39
C ALA A 463 -4.23 -1.12 -10.17
N VAL A 464 -4.87 -2.15 -10.68
CA VAL A 464 -4.39 -3.52 -10.46
C VAL A 464 -3.11 -3.71 -11.28
N GLY A 465 -1.97 -3.77 -10.58
CA GLY A 465 -0.69 -3.93 -11.23
C GLY A 465 0.31 -2.83 -10.93
N GLY A 466 -0.04 -1.83 -10.14
CA GLY A 466 0.87 -0.77 -9.80
C GLY A 466 1.71 -1.10 -8.58
N LYS A 467 2.45 -0.11 -8.12
CA LYS A 467 3.36 -0.32 -6.99
C LYS A 467 2.59 -0.46 -5.68
N VAL A 468 1.77 0.54 -5.36
CA VAL A 468 0.99 0.47 -4.14
C VAL A 468 0.14 -0.79 -4.13
N GLU A 469 -0.41 -1.17 -5.29
CA GLU A 469 -1.20 -2.39 -5.36
C GLU A 469 -0.32 -3.63 -5.24
N LYS A 470 0.95 -3.54 -5.62
CA LYS A 470 1.86 -4.65 -5.38
C LYS A 470 2.15 -4.85 -3.91
N LEU A 471 2.03 -3.79 -3.12
CA LEU A 471 2.36 -3.87 -1.69
C LEU A 471 1.19 -4.29 -0.80
N TYR A 472 -0.01 -4.47 -1.35
CA TYR A 472 -1.17 -4.77 -0.51
C TYR A 472 -1.01 -6.12 0.18
N HIS A 473 -1.87 -6.35 1.17
CA HIS A 473 -1.93 -7.63 1.86
C HIS A 473 -2.33 -8.71 0.88
N THR A 474 -1.97 -9.96 1.20
CA THR A 474 -2.44 -11.12 0.45
C THR A 474 -3.64 -11.67 1.20
N GLY A 475 -4.82 -11.25 0.80
CA GLY A 475 -6.02 -11.51 1.55
C GLY A 475 -6.99 -10.36 1.43
N MET A 476 -6.51 -9.27 0.87
CA MET A 476 -7.37 -8.14 0.55
C MET A 476 -8.22 -8.49 -0.65
N PRO A 477 -9.54 -8.63 -0.50
CA PRO A 477 -10.38 -9.02 -1.63
C PRO A 477 -10.36 -7.97 -2.74
N LEU A 478 -10.87 -8.36 -3.90
CA LEU A 478 -10.79 -7.48 -5.06
C LEU A 478 -11.78 -6.32 -4.93
N LEU A 479 -12.86 -6.49 -4.18
CA LEU A 479 -13.84 -5.43 -4.01
C LEU A 479 -13.23 -4.22 -3.33
N ILE A 480 -12.43 -4.45 -2.28
CA ILE A 480 -11.80 -3.34 -1.57
C ILE A 480 -10.73 -2.69 -2.43
N ARG A 481 -9.99 -3.50 -3.21
CA ARG A 481 -9.01 -2.93 -4.13
C ARG A 481 -9.66 -1.98 -5.12
N LEU A 482 -10.76 -2.41 -5.73
CA LEU A 482 -11.45 -1.57 -6.71
C LEU A 482 -12.05 -0.34 -6.05
N LYS A 483 -12.60 -0.47 -4.84
CA LYS A 483 -13.21 0.69 -4.19
C LYS A 483 -12.17 1.72 -3.79
N LEU A 484 -11.03 1.29 -3.22
CA LEU A 484 -9.96 2.23 -2.94
C LEU A 484 -9.38 2.84 -4.20
N SER A 485 -9.34 2.08 -5.30
CA SER A 485 -8.90 2.66 -6.56
C SER A 485 -9.88 3.71 -7.09
N GLN A 486 -11.16 3.59 -6.76
CA GLN A 486 -12.15 4.57 -7.18
C GLN A 486 -12.27 5.77 -6.26
N MET A 487 -11.88 5.65 -4.99
CA MET A 487 -11.89 6.79 -4.10
C MET A 487 -10.72 7.73 -4.35
N ALA A 488 -9.56 7.20 -4.71
CA ALA A 488 -8.37 8.00 -4.98
C ALA A 488 -8.25 8.26 -6.49
N ASP A 489 -9.24 8.95 -7.01
CA ASP A 489 -9.32 9.24 -8.43
C ASP A 489 -8.90 10.68 -8.67
N PRO A 490 -7.88 10.94 -9.50
CA PRO A 490 -7.47 12.33 -9.73
C PRO A 490 -8.56 13.19 -10.34
N GLU A 491 -9.52 12.58 -11.01
CA GLU A 491 -10.62 13.34 -11.59
C GLU A 491 -11.65 13.69 -10.50
N PRO A 492 -12.01 14.97 -10.35
CA PRO A 492 -12.95 15.32 -9.27
C PRO A 492 -14.32 14.73 -9.47
N LEU A 493 -14.84 14.74 -10.70
CA LEU A 493 -16.01 13.96 -11.05
C LEU A 493 -15.64 12.48 -11.10
N ALA A 494 -16.66 11.64 -11.18
CA ALA A 494 -16.45 10.19 -11.29
C ALA A 494 -15.65 9.65 -10.10
N ARG A 495 -15.68 10.37 -9.00
CA ARG A 495 -15.05 9.93 -7.75
C ARG A 495 -16.16 9.67 -6.73
N VAL A 496 -16.17 8.47 -6.15
CA VAL A 496 -17.30 8.08 -5.33
C VAL A 496 -17.34 8.91 -4.06
N SER A 497 -18.51 9.01 -3.45
CA SER A 497 -18.69 9.80 -2.25
C SER A 497 -18.38 8.99 -1.00
N MET A 498 -18.53 9.64 0.16
CA MET A 498 -18.24 8.98 1.43
C MET A 498 -19.40 8.11 1.88
N ARG A 499 -20.63 8.53 1.58
CA ARG A 499 -21.80 7.72 1.91
C ARG A 499 -21.77 6.38 1.20
N HIS A 500 -21.46 6.39 -0.09
CA HIS A 500 -21.40 5.14 -0.86
C HIS A 500 -20.32 4.21 -0.33
N ALA A 501 -19.15 4.77 -0.01
CA ALA A 501 -18.08 3.95 0.56
C ALA A 501 -18.49 3.34 1.89
N ARG A 502 -19.15 4.12 2.75
CA ARG A 502 -19.64 3.59 4.01
C ARG A 502 -20.61 2.43 3.79
N PHE A 503 -21.58 2.61 2.89
CA PHE A 503 -22.52 1.54 2.58
C PHE A 503 -21.81 0.26 2.16
N VAL A 504 -20.96 0.34 1.14
CA VAL A 504 -20.37 -0.88 0.59
C VAL A 504 -19.44 -1.54 1.61
N PHE A 505 -18.66 -0.75 2.36
CA PHE A 505 -17.73 -1.35 3.31
C PHE A 505 -18.45 -1.99 4.48
N LYS A 506 -19.50 -1.34 5.01
CA LYS A 506 -20.24 -1.94 6.11
C LYS A 506 -20.99 -3.20 5.68
N ALA A 507 -21.62 -3.16 4.51
CA ALA A 507 -22.29 -4.35 4.02
C ALA A 507 -21.33 -5.51 3.86
N TYR A 508 -20.13 -5.25 3.31
CA TYR A 508 -19.20 -6.35 3.13
C TYR A 508 -18.68 -6.88 4.46
N ALA A 509 -18.43 -6.00 5.43
CA ALA A 509 -17.97 -6.47 6.74
C ALA A 509 -19.00 -7.38 7.39
N MET A 510 -20.28 -6.97 7.34
CA MET A 510 -21.34 -7.81 7.90
C MET A 510 -21.43 -9.15 7.20
N LEU A 511 -21.44 -9.15 5.86
CA LEU A 511 -21.56 -10.40 5.13
C LEU A 511 -20.38 -11.32 5.38
N ASP A 512 -19.17 -10.76 5.49
CA ASP A 512 -18.00 -11.59 5.73
C ASP A 512 -18.04 -12.21 7.12
N LYS A 513 -18.54 -11.46 8.12
CA LYS A 513 -18.62 -12.03 9.46
C LYS A 513 -19.71 -13.09 9.55
N LEU A 514 -20.78 -12.95 8.75
CA LEU A 514 -21.77 -14.02 8.69
C LEU A 514 -21.19 -15.26 8.03
N LEU A 515 -20.50 -15.08 6.90
CA LEU A 515 -19.96 -16.23 6.17
C LEU A 515 -18.90 -16.97 6.98
N ARG A 516 -18.06 -16.24 7.70
CA ARG A 516 -16.90 -16.85 8.34
C ARG A 516 -17.29 -17.63 9.59
N ALA A 517 -18.15 -17.06 10.42
CA ALA A 517 -18.49 -17.69 11.69
C ALA A 517 -19.23 -19.00 11.46
N PRO A 518 -18.92 -20.04 12.24
CA PRO A 518 -19.56 -21.36 12.12
C PRO A 518 -21.04 -21.35 12.49
N GLU A 525 -29.20 -16.82 18.09
CA GLU A 525 -29.39 -15.83 19.14
C GLU A 525 -28.67 -14.52 18.81
N THR A 526 -27.50 -14.63 18.17
CA THR A 526 -26.85 -13.44 17.64
C THR A 526 -27.01 -13.37 16.12
N ARG A 527 -27.26 -14.52 15.49
CA ARG A 527 -27.54 -14.53 14.06
C ARG A 527 -28.74 -13.65 13.73
N GLU A 528 -29.77 -13.67 14.58
CA GLU A 528 -30.97 -12.88 14.29
C GLU A 528 -30.68 -11.39 14.32
N GLU A 529 -29.96 -10.93 15.35
CA GLU A 529 -29.62 -9.51 15.43
C GLU A 529 -28.70 -9.11 14.29
N GLN A 530 -27.77 -9.99 13.91
CA GLN A 530 -26.89 -9.67 12.79
C GLN A 530 -27.66 -9.56 11.48
N LEU A 531 -28.63 -10.45 11.26
CA LEU A 531 -29.39 -10.41 10.02
C LEU A 531 -30.32 -9.19 9.99
N LYS A 532 -30.86 -8.79 11.13
CA LYS A 532 -31.68 -7.58 11.17
C LYS A 532 -30.84 -6.34 10.90
N GLN A 533 -29.66 -6.25 11.54
CA GLN A 533 -28.77 -5.13 11.28
C GLN A 533 -28.34 -5.09 9.82
N LEU A 534 -28.21 -6.26 9.19
CA LEU A 534 -27.84 -6.29 7.77
C LEU A 534 -28.99 -5.79 6.90
N GLN A 535 -30.18 -6.38 7.05
CA GLN A 535 -31.28 -6.05 6.14
C GLN A 535 -31.89 -4.70 6.45
N SER A 536 -31.41 -4.03 7.51
CA SER A 536 -31.91 -2.68 7.80
C SER A 536 -31.25 -1.63 6.91
N LEU A 537 -30.25 -2.02 6.13
CA LEU A 537 -29.55 -1.07 5.27
C LEU A 537 -30.37 -0.80 4.01
N HIS A 538 -29.90 0.14 3.19
CA HIS A 538 -30.56 0.46 1.93
C HIS A 538 -29.94 -0.23 0.73
N ILE A 539 -28.61 -0.33 0.70
CA ILE A 539 -27.96 -1.03 -0.40
C ILE A 539 -28.40 -2.49 -0.45
N VAL A 540 -28.59 -3.10 0.73
CA VAL A 540 -29.01 -4.50 0.77
C VAL A 540 -30.46 -4.65 0.34
N GLN A 541 -31.31 -3.68 0.67
CA GLN A 541 -32.70 -3.75 0.22
C GLN A 541 -32.80 -3.62 -1.28
N PHE A 542 -32.01 -2.73 -1.88
CA PHE A 542 -32.02 -2.68 -3.34
C PHE A 542 -31.45 -3.95 -3.95
N LEU A 543 -30.40 -4.53 -3.35
CA LEU A 543 -29.85 -5.75 -3.91
C LEU A 543 -30.86 -6.89 -3.84
N LEU A 544 -31.64 -6.95 -2.75
CA LEU A 544 -32.69 -7.96 -2.66
C LEU A 544 -33.78 -7.73 -3.70
N PHE A 545 -34.13 -6.47 -3.99
CA PHE A 545 -35.11 -6.23 -5.04
C PHE A 545 -34.55 -6.54 -6.43
N TYR A 546 -33.26 -6.32 -6.64
CA TYR A 546 -32.68 -6.44 -7.97
C TYR A 546 -32.33 -7.88 -8.33
N LEU A 547 -31.89 -8.66 -7.36
CA LEU A 547 -31.58 -10.06 -7.58
C LEU A 547 -32.80 -10.97 -7.51
N ARG A 548 -33.99 -10.41 -7.23
CA ARG A 548 -35.21 -11.20 -7.03
C ARG A 548 -35.06 -12.20 -5.91
N MET A 549 -34.76 -11.72 -4.70
CA MET A 549 -34.55 -12.57 -3.55
C MET A 549 -35.60 -12.26 -2.49
N GLU A 550 -35.66 -13.09 -1.45
CA GLU A 550 -36.64 -12.99 -0.38
C GLU A 550 -35.98 -12.53 0.92
N PRO A 551 -36.74 -11.92 1.82
CA PRO A 551 -36.22 -11.62 3.15
C PRO A 551 -35.65 -12.89 3.77
N LEU A 552 -34.37 -12.83 4.16
CA LEU A 552 -33.56 -14.03 4.13
C LEU A 552 -34.09 -15.12 5.06
N THR A 553 -33.83 -15.01 6.36
CA THR A 553 -34.12 -16.14 7.24
C THR A 553 -33.69 -15.93 8.68
N ALA A 554 -34.02 -16.89 9.53
CA ALA A 554 -33.30 -17.14 10.75
C ALA A 554 -33.09 -18.62 11.00
N ALA A 555 -33.81 -19.49 10.30
CA ALA A 555 -33.77 -20.93 10.49
C ALA A 555 -33.40 -21.70 9.23
N ARG A 556 -32.64 -21.10 8.33
CA ARG A 556 -32.22 -21.74 7.10
C ARG A 556 -30.74 -21.46 6.86
N ASP A 557 -30.04 -22.44 6.30
CA ASP A 557 -28.66 -22.23 5.91
C ASP A 557 -28.58 -21.31 4.69
N ASN A 558 -28.16 -20.07 4.94
CA ASN A 558 -28.18 -19.01 3.93
C ASN A 558 -26.81 -18.79 3.31
N THR A 559 -25.99 -19.84 3.22
CA THR A 559 -24.64 -19.66 2.72
C THR A 559 -24.64 -19.21 1.27
N GLN A 560 -25.37 -19.91 0.41
CA GLN A 560 -25.43 -19.52 -1.00
C GLN A 560 -26.15 -18.20 -1.21
N SER A 561 -26.88 -17.70 -0.22
CA SER A 561 -27.53 -16.41 -0.33
C SER A 561 -26.65 -15.27 0.17
N TYR A 562 -25.66 -15.56 1.01
CA TYR A 562 -24.60 -14.59 1.26
C TYR A 562 -23.59 -14.57 0.13
N ARG A 563 -23.39 -15.70 -0.53
CA ARG A 563 -22.46 -15.73 -1.66
C ARG A 563 -22.93 -14.87 -2.81
N ARG A 564 -24.25 -14.74 -2.98
CA ARG A 564 -24.79 -13.94 -4.07
C ARG A 564 -24.80 -12.45 -3.75
N LEU A 565 -25.12 -12.08 -2.51
CA LEU A 565 -25.11 -10.67 -2.12
C LEU A 565 -23.71 -10.07 -2.10
N ALA A 566 -22.68 -10.89 -1.90
CA ALA A 566 -21.31 -10.42 -1.93
C ALA A 566 -20.70 -10.43 -3.32
N ARG A 567 -21.25 -11.23 -4.23
CA ARG A 567 -20.80 -11.28 -5.61
C ARG A 567 -21.53 -10.27 -6.48
N ALA A 568 -22.76 -9.90 -6.12
CA ALA A 568 -23.45 -8.81 -6.78
C ALA A 568 -22.91 -7.46 -6.37
N LEU A 569 -22.12 -7.40 -5.31
CA LEU A 569 -21.51 -6.18 -4.82
C LEU A 569 -20.15 -5.91 -5.46
N LEU A 570 -19.58 -6.90 -6.14
CA LEU A 570 -18.38 -6.74 -6.95
C LEU A 570 -18.70 -6.41 -8.40
N ASP A 571 -19.84 -6.87 -8.92
CA ASP A 571 -20.27 -6.56 -10.27
C ASP A 571 -20.59 -5.08 -10.45
N PHE A 572 -20.96 -4.37 -9.40
CA PHE A 572 -21.15 -2.93 -9.48
C PHE A 572 -19.85 -2.16 -9.34
N ALA A 573 -18.81 -2.78 -8.78
CA ALA A 573 -17.49 -2.16 -8.76
C ALA A 573 -16.80 -2.34 -10.10
N ARG A 574 -17.00 -3.49 -10.76
CA ARG A 574 -16.51 -3.66 -12.12
C ARG A 574 -17.30 -2.84 -13.13
N LEU A 575 -18.46 -2.29 -12.75
CA LEU A 575 -19.34 -1.51 -13.62
C LEU A 575 -19.89 -2.37 -14.76
N ASP A 576 -20.52 -3.47 -14.39
CA ASP A 576 -21.10 -4.42 -15.34
C ASP A 576 -22.48 -4.02 -15.86
N PRO A 577 -23.39 -3.50 -15.03
CA PRO A 577 -24.68 -3.03 -15.59
C PRO A 577 -24.52 -1.98 -16.69
N VAL A 578 -23.58 -1.05 -16.53
CA VAL A 578 -23.37 -0.02 -17.55
C VAL A 578 -22.85 -0.64 -18.83
N TYR A 579 -21.97 -1.63 -18.72
CA TYR A 579 -21.45 -2.28 -19.92
C TYR A 579 -22.53 -3.07 -20.63
N GLN A 580 -23.39 -3.75 -19.87
CA GLN A 580 -24.49 -4.47 -20.51
C GLN A 580 -25.50 -3.53 -21.13
N ALA A 581 -25.65 -2.32 -20.59
CA ALA A 581 -26.54 -1.36 -21.22
C ALA A 581 -25.91 -0.71 -22.45
N ALA A 582 -24.58 -0.60 -22.49
CA ALA A 582 -23.91 -0.02 -23.64
C ALA A 582 -23.68 -1.02 -24.76
N THR A 583 -23.71 -2.32 -24.46
CA THR A 583 -23.58 -3.33 -25.50
C THR A 583 -24.76 -3.27 -26.47
N GLU A 584 -25.90 -2.74 -26.03
CA GLU A 584 -27.10 -2.73 -26.86
C GLU A 584 -27.34 -1.42 -27.57
N THR A 585 -26.45 -0.44 -27.43
CA THR A 585 -26.64 0.87 -28.06
C THR A 585 -25.54 1.22 -29.06
N VAL A 586 -24.28 1.15 -28.63
CA VAL A 586 -23.16 1.60 -29.44
C VAL A 586 -22.58 0.42 -30.20
N GLN A 587 -22.22 0.65 -31.45
CA GLN A 587 -21.61 -0.36 -32.30
C GLN A 587 -20.10 -0.26 -32.24
N PRO A 588 -19.38 -1.29 -32.71
CA PRO A 588 -17.97 -1.46 -32.35
C PRO A 588 -16.94 -0.80 -33.27
N LEU A 589 -17.31 0.11 -34.17
CA LEU A 589 -16.32 0.89 -34.93
C LEU A 589 -15.40 0.02 -35.77
N PRO A 590 -15.84 -0.40 -36.96
CA PRO A 590 -15.18 -1.50 -37.69
C PRO A 590 -13.67 -1.39 -37.77
N TYR A 591 -13.03 -2.55 -37.95
CA TYR A 591 -11.58 -2.66 -37.90
C TYR A 591 -10.88 -1.96 -39.06
N GLU A 592 -11.60 -1.60 -40.10
CA GLU A 592 -10.96 -0.82 -41.17
C GLU A 592 -10.78 0.61 -40.81
N PHE A 593 -10.93 0.97 -39.54
CA PHE A 593 -10.67 2.33 -39.07
C PHE A 593 -9.28 2.50 -38.50
N PHE A 594 -8.71 1.43 -37.95
CA PHE A 594 -7.42 1.51 -37.27
C PHE A 594 -6.26 1.09 -38.15
N THR A 595 -6.49 0.87 -39.44
CA THR A 595 -5.43 0.48 -40.36
C THR A 595 -5.42 1.26 -41.67
N GLU A 596 -6.47 2.02 -41.99
CA GLU A 596 -6.59 2.63 -43.31
C GLU A 596 -6.85 4.12 -43.15
N GLN A 597 -6.05 4.79 -42.33
CA GLN A 597 -6.22 6.21 -42.07
C GLN A 597 -4.86 6.87 -41.89
N LYS A 598 -4.73 8.08 -42.43
CA LYS A 598 -3.52 8.85 -42.32
C LYS A 598 -3.69 9.96 -41.28
N ASP A 599 -2.62 10.68 -40.99
CA ASP A 599 -2.63 11.79 -40.05
C ASP A 599 -3.14 11.35 -38.68
N TRP A 600 -2.47 10.34 -38.13
CA TRP A 600 -2.92 9.72 -36.89
C TRP A 600 -2.78 10.63 -35.68
N GLN A 601 -2.39 11.90 -35.86
CA GLN A 601 -2.28 12.83 -34.75
C GLN A 601 -3.45 13.78 -34.63
N ASN A 602 -4.31 13.86 -35.64
CA ASN A 602 -5.47 14.75 -35.62
C ASN A 602 -6.78 13.98 -35.69
N VAL A 603 -6.75 12.69 -35.40
CA VAL A 603 -7.98 11.90 -35.30
C VAL A 603 -8.00 11.22 -33.95
N LYS A 604 -9.20 10.95 -33.47
CA LYS A 604 -9.42 10.39 -32.15
C LYS A 604 -10.87 9.91 -32.07
N VAL A 605 -11.08 8.80 -31.37
CA VAL A 605 -12.41 8.22 -31.24
C VAL A 605 -13.23 9.13 -30.34
N GLU A 606 -14.22 9.81 -30.91
CA GLU A 606 -15.05 10.75 -30.18
C GLU A 606 -16.42 10.16 -29.91
N VAL A 607 -16.92 10.37 -28.70
CA VAL A 607 -18.24 9.90 -28.29
C VAL A 607 -19.26 10.98 -28.63
N SER A 608 -20.36 10.56 -29.24
CA SER A 608 -21.24 11.51 -29.91
C SER A 608 -21.83 12.53 -28.95
N GLY A 609 -22.08 12.14 -27.71
CA GLY A 609 -22.78 12.99 -26.77
C GLY A 609 -24.29 12.88 -26.83
N SER A 610 -24.84 12.44 -27.96
CA SER A 610 -26.26 12.16 -28.06
C SER A 610 -26.58 10.68 -27.91
N GLU A 611 -25.56 9.82 -27.81
CA GLU A 611 -25.77 8.42 -27.47
C GLU A 611 -25.44 8.12 -26.02
N VAL A 612 -24.65 8.98 -25.38
CA VAL A 612 -24.46 8.91 -23.93
C VAL A 612 -25.73 9.22 -23.18
N ASP A 613 -26.79 9.64 -23.87
CA ASP A 613 -28.11 9.80 -23.29
C ASP A 613 -29.02 8.61 -23.54
N GLU A 614 -28.93 8.00 -24.73
CA GLU A 614 -29.71 6.79 -24.99
C GLU A 614 -29.23 5.64 -24.12
N THR A 615 -27.93 5.55 -23.87
CA THR A 615 -27.45 4.51 -22.96
C THR A 615 -27.89 4.78 -21.52
N ILE A 616 -28.04 6.05 -21.13
CA ILE A 616 -28.50 6.34 -19.77
C ILE A 616 -29.98 5.99 -19.63
N ARG A 617 -30.78 6.29 -20.65
CA ARG A 617 -32.19 5.89 -20.61
C ARG A 617 -32.33 4.37 -20.55
N LYS A 618 -31.55 3.66 -21.35
CA LYS A 618 -31.57 2.19 -21.29
C LYS A 618 -31.14 1.69 -19.92
N LEU A 619 -30.13 2.32 -19.32
CA LEU A 619 -29.67 1.91 -18.00
C LEU A 619 -30.73 2.14 -16.93
N ARG A 620 -31.40 3.29 -16.99
CA ARG A 620 -32.46 3.57 -16.02
C ARG A 620 -33.58 2.56 -16.13
N THR A 621 -34.03 2.25 -17.35
CA THR A 621 -35.09 1.28 -17.52
C THR A 621 -34.67 -0.12 -17.07
N SER A 622 -33.40 -0.47 -17.30
CA SER A 622 -32.93 -1.79 -16.89
C SER A 622 -32.83 -1.89 -15.37
N LEU A 623 -32.42 -0.80 -14.71
CA LEU A 623 -32.16 -0.85 -13.27
C LEU A 623 -33.45 -0.74 -12.47
N THR A 624 -34.35 0.16 -12.86
CA THR A 624 -35.63 0.32 -12.18
C THR A 624 -36.62 -0.79 -12.52
N ARG A 625 -36.39 -1.54 -13.60
CA ARG A 625 -37.24 -2.63 -14.04
C ARG A 625 -38.62 -2.13 -14.45
N ASP A 626 -38.61 -1.08 -15.27
CA ASP A 626 -39.79 -0.50 -15.91
C ASP A 626 -40.79 0.10 -14.93
N ARG A 627 -40.37 0.42 -13.72
CA ARG A 627 -41.17 1.29 -12.87
C ARG A 627 -40.82 2.75 -13.18
N SER A 628 -41.64 3.66 -12.68
CA SER A 628 -41.49 5.08 -12.98
C SER A 628 -41.09 5.81 -11.71
N LEU A 629 -39.80 6.10 -11.59
CA LEU A 629 -39.30 6.88 -10.47
C LEU A 629 -39.43 8.37 -10.77
N SER A 630 -39.42 9.17 -9.72
CA SER A 630 -39.31 10.61 -9.87
C SER A 630 -37.85 10.97 -10.11
N GLU A 631 -37.51 12.25 -10.03
CA GLU A 631 -36.11 12.62 -10.26
C GLU A 631 -35.28 12.50 -9.00
N ASP A 632 -35.86 12.86 -7.85
CA ASP A 632 -35.13 12.72 -6.59
C ASP A 632 -34.84 11.25 -6.29
N SER A 633 -35.79 10.37 -6.60
CA SER A 633 -35.57 8.95 -6.37
C SER A 633 -34.48 8.40 -7.27
N TRP A 634 -34.46 8.82 -8.53
CA TRP A 634 -33.41 8.37 -9.44
C TRP A 634 -32.04 8.87 -8.97
N ALA A 635 -31.97 10.12 -8.53
CA ALA A 635 -30.71 10.66 -8.02
C ALA A 635 -30.23 9.88 -6.79
N ASP A 636 -31.15 9.58 -5.87
CA ASP A 636 -30.77 8.83 -4.68
C ASP A 636 -30.32 7.42 -5.04
N LEU A 637 -30.98 6.80 -6.01
CA LEU A 637 -30.63 5.43 -6.39
C LEU A 637 -29.25 5.39 -7.03
N VAL A 638 -28.96 6.30 -7.95
CA VAL A 638 -27.63 6.28 -8.56
C VAL A 638 -26.55 6.65 -7.54
N ASP A 639 -26.87 7.50 -6.56
CA ASP A 639 -25.88 7.77 -5.53
C ASP A 639 -25.64 6.56 -4.64
N ILE A 640 -26.67 5.79 -4.34
CA ILE A 640 -26.50 4.60 -3.51
C ILE A 640 -25.66 3.57 -4.25
N MET A 641 -26.00 3.31 -5.52
CA MET A 641 -25.41 2.17 -6.24
C MET A 641 -24.05 2.51 -6.85
N PHE A 642 -23.95 3.63 -7.55
CA PHE A 642 -22.71 3.99 -8.23
C PHE A 642 -21.90 5.06 -7.51
N GLY A 643 -22.53 5.88 -6.68
CA GLY A 643 -21.80 6.82 -5.85
C GLY A 643 -21.41 8.11 -6.52
N VAL A 644 -22.20 8.59 -7.48
CA VAL A 644 -21.89 9.80 -8.23
C VAL A 644 -23.16 10.62 -8.39
N SER A 645 -22.99 11.87 -8.83
CA SER A 645 -24.13 12.73 -9.08
C SER A 645 -24.71 12.42 -10.46
N LEU A 646 -25.77 13.13 -10.84
CA LEU A 646 -26.41 12.84 -12.12
C LEU A 646 -25.61 13.38 -13.30
N ASP A 647 -24.90 14.49 -13.10
CA ASP A 647 -23.95 14.97 -14.09
C ASP A 647 -22.55 14.41 -13.85
N GLY A 648 -22.44 13.43 -12.96
CA GLY A 648 -21.19 12.76 -12.68
C GLY A 648 -21.15 11.38 -13.27
N LEU A 649 -22.31 10.81 -13.59
CA LEU A 649 -22.31 9.58 -14.37
C LEU A 649 -22.22 9.83 -15.86
N ARG A 650 -22.39 11.05 -16.32
CA ARG A 650 -22.15 11.32 -17.73
C ARG A 650 -20.71 11.30 -18.08
N GLU A 651 -19.83 11.00 -17.14
CA GLU A 651 -18.44 10.69 -17.41
C GLU A 651 -18.12 9.21 -17.26
N VAL A 652 -18.69 8.53 -16.27
CA VAL A 652 -18.60 7.08 -16.19
C VAL A 652 -19.14 6.44 -17.46
N VAL A 653 -20.31 6.89 -17.91
CA VAL A 653 -20.92 6.32 -19.09
C VAL A 653 -20.09 6.64 -20.34
N THR A 654 -19.49 7.83 -20.39
CA THR A 654 -18.66 8.16 -21.54
C THR A 654 -17.40 7.30 -21.59
N ARG A 655 -16.80 7.01 -20.44
CA ARG A 655 -15.69 6.07 -20.40
C ARG A 655 -16.11 4.69 -20.90
N VAL A 656 -17.28 4.22 -20.47
CA VAL A 656 -17.71 2.88 -20.87
C VAL A 656 -17.99 2.82 -22.37
N VAL A 657 -18.67 3.83 -22.92
CA VAL A 657 -18.97 3.76 -24.35
C VAL A 657 -17.75 4.06 -25.21
N TYR A 658 -16.76 4.79 -24.70
CA TYR A 658 -15.50 4.86 -25.41
C TYR A 658 -14.79 3.52 -25.42
N SER A 659 -14.79 2.80 -24.30
CA SER A 659 -14.22 1.47 -24.29
C SER A 659 -14.98 0.49 -25.16
N ARG A 660 -16.26 0.74 -25.41
CA ARG A 660 -17.03 -0.12 -26.30
C ARG A 660 -16.80 0.21 -27.77
N LYS A 661 -16.55 1.49 -28.09
CA LYS A 661 -16.28 1.86 -29.47
C LYS A 661 -15.01 1.18 -29.98
N THR A 662 -13.94 1.20 -29.19
CA THR A 662 -12.65 0.64 -29.59
C THR A 662 -12.57 -0.86 -29.40
N PHE A 663 -13.70 -1.55 -29.29
CA PHE A 663 -13.70 -2.99 -29.45
C PHE A 663 -13.15 -3.35 -30.83
N LEU A 664 -12.76 -4.61 -30.98
CA LEU A 664 -12.14 -5.13 -32.21
C LEU A 664 -10.71 -4.62 -32.35
N LEU A 665 -10.29 -3.72 -31.49
CA LEU A 665 -8.87 -3.41 -31.33
C LEU A 665 -8.34 -3.81 -29.97
N GLU A 666 -9.17 -3.78 -28.93
CA GLU A 666 -8.77 -4.37 -27.66
C GLU A 666 -8.74 -5.90 -27.76
N GLU A 667 -9.57 -6.48 -28.62
CA GLU A 667 -9.61 -7.93 -28.78
C GLU A 667 -8.42 -8.45 -29.56
N LYS A 668 -8.08 -7.78 -30.67
CA LYS A 668 -6.89 -8.18 -31.43
C LYS A 668 -5.63 -8.03 -30.60
N ILE A 669 -5.55 -7.00 -29.76
CA ILE A 669 -4.39 -6.86 -28.89
C ILE A 669 -4.38 -7.94 -27.82
N GLY A 670 -5.51 -8.19 -27.19
CA GLY A 670 -5.57 -9.26 -26.20
C GLY A 670 -5.27 -10.61 -26.76
N ASN A 671 -5.42 -10.80 -28.08
CA ASN A 671 -5.06 -12.04 -28.73
C ASN A 671 -3.64 -12.07 -29.28
N ALA A 672 -3.04 -10.90 -29.55
CA ALA A 672 -1.65 -10.87 -30.00
C ALA A 672 -0.71 -11.31 -28.89
N VAL A 673 -0.83 -10.70 -27.72
CA VAL A 673 -0.34 -11.33 -26.50
C VAL A 673 -1.23 -12.53 -26.19
N LYS A 674 -0.70 -13.47 -25.41
CA LYS A 674 -1.08 -14.88 -25.18
C LYS A 674 -0.52 -15.76 -26.29
N GLU A 675 0.07 -15.18 -27.32
CA GLU A 675 0.97 -15.92 -28.20
C GLU A 675 2.42 -15.61 -27.91
N ALA A 676 2.70 -14.44 -27.35
CA ALA A 676 4.02 -14.19 -26.77
C ALA A 676 4.24 -15.06 -25.55
N VAL A 677 3.20 -15.29 -24.75
CA VAL A 677 3.30 -16.15 -23.58
C VAL A 677 3.58 -17.59 -24.00
N ALA A 678 3.07 -18.02 -25.16
CA ALA A 678 3.36 -19.37 -25.64
C ALA A 678 4.72 -19.45 -26.30
N ALA A 679 5.16 -18.38 -26.99
CA ALA A 679 6.52 -18.36 -27.49
C ALA A 679 7.54 -18.40 -26.36
N THR A 680 7.24 -17.77 -25.23
CA THR A 680 8.12 -17.82 -24.07
C THR A 680 8.37 -19.25 -23.61
N TYR A 681 7.36 -20.09 -23.60
CA TYR A 681 7.54 -21.49 -23.20
C TYR A 681 8.03 -22.36 -24.34
N LYS A 682 7.91 -21.90 -25.58
CA LYS A 682 8.53 -22.63 -26.68
C LYS A 682 10.03 -22.40 -26.72
N PHE A 683 10.51 -21.23 -26.28
CA PHE A 683 11.93 -20.93 -26.36
C PHE A 683 12.68 -21.29 -25.08
N ASP A 684 12.14 -20.89 -23.93
CA ASP A 684 12.73 -21.31 -22.66
C ASP A 684 11.77 -22.26 -21.94
N PRO A 685 11.90 -23.57 -22.15
CA PRO A 685 10.89 -24.50 -21.61
C PRO A 685 10.93 -24.69 -20.11
N ASN A 686 11.70 -23.91 -19.35
CA ASN A 686 11.64 -23.95 -17.89
C ASN A 686 11.90 -22.55 -17.33
N THR A 687 10.82 -21.81 -17.07
CA THR A 687 10.89 -20.40 -16.67
C THR A 687 10.49 -20.15 -15.23
N GLN A 688 9.49 -20.85 -14.71
CA GLN A 688 8.97 -20.83 -13.33
C GLN A 688 8.14 -19.59 -13.00
N LEU A 689 8.04 -18.58 -13.86
CA LEU A 689 7.10 -17.47 -13.68
C LEU A 689 6.95 -16.72 -14.98
N ILE A 690 5.99 -15.79 -14.96
CA ILE A 690 5.76 -14.86 -16.07
C ILE A 690 5.95 -13.40 -15.66
N ALA A 691 5.84 -13.07 -14.37
CA ALA A 691 6.32 -11.78 -13.89
C ALA A 691 5.60 -10.58 -14.51
N GLU A 692 4.40 -10.28 -14.02
CA GLU A 692 3.41 -9.38 -14.61
C GLU A 692 3.93 -8.21 -15.43
N ASP A 693 4.98 -7.52 -14.98
CA ASP A 693 5.44 -6.35 -15.70
C ASP A 693 5.95 -6.71 -17.09
N ALA A 694 5.57 -5.89 -18.07
CA ALA A 694 5.89 -6.20 -19.46
C ALA A 694 7.39 -6.07 -19.72
N PRO A 695 7.96 -6.94 -20.56
CA PRO A 695 9.41 -6.97 -20.73
C PRO A 695 9.98 -5.86 -21.60
N ASP A 696 9.20 -4.81 -21.88
CA ASP A 696 9.67 -3.60 -22.56
C ASP A 696 10.03 -3.88 -24.01
N ARG A 697 10.01 -5.14 -24.41
CA ARG A 697 10.24 -5.58 -25.78
C ARG A 697 8.97 -6.10 -26.41
N LEU A 698 7.95 -6.42 -25.60
CA LEU A 698 6.71 -6.96 -26.10
C LEU A 698 5.97 -5.96 -26.98
N PHE A 699 6.15 -4.67 -26.73
CA PHE A 699 5.43 -3.66 -27.49
C PHE A 699 5.83 -3.68 -28.97
N GLU A 700 7.12 -3.85 -29.25
CA GLU A 700 7.56 -3.90 -30.64
C GLU A 700 7.15 -5.21 -31.31
N VAL A 701 7.03 -6.30 -30.54
CA VAL A 701 6.51 -7.53 -31.11
C VAL A 701 5.04 -7.36 -31.50
N VAL A 702 4.26 -6.68 -30.65
CA VAL A 702 2.83 -6.56 -30.90
C VAL A 702 2.55 -5.58 -32.04
N ARG A 703 3.21 -4.41 -32.03
CA ARG A 703 2.95 -3.43 -33.08
C ARG A 703 3.29 -3.98 -34.45
N THR A 704 4.26 -4.88 -34.55
CA THR A 704 4.58 -5.52 -35.82
C THR A 704 3.67 -6.70 -36.12
N ASP A 705 3.19 -7.40 -35.09
CA ASP A 705 2.23 -8.47 -35.29
C ASP A 705 0.94 -7.93 -35.92
N LEU A 706 0.41 -6.83 -35.39
CA LEU A 706 -0.85 -6.31 -35.90
C LEU A 706 -0.68 -5.57 -37.22
N GLY A 707 0.48 -4.96 -37.46
CA GLY A 707 0.68 -4.19 -38.66
C GLY A 707 0.27 -2.74 -38.51
N LEU A 708 0.45 -2.20 -37.30
CA LEU A 708 0.05 -0.85 -36.96
C LEU A 708 1.25 0.08 -37.04
N SER A 709 0.96 1.37 -37.23
CA SER A 709 1.98 2.43 -37.24
C SER A 709 1.35 3.68 -36.65
N TYR A 710 1.48 3.86 -35.34
CA TYR A 710 0.88 4.99 -34.66
C TYR A 710 1.97 5.88 -34.09
N PRO A 711 1.94 7.18 -34.36
CA PRO A 711 2.87 8.09 -33.69
C PRO A 711 2.72 7.99 -32.17
N ASP A 712 3.86 7.77 -31.50
CA ASP A 712 3.86 7.43 -30.08
C ASP A 712 3.27 8.51 -29.18
N ASP A 713 2.92 9.68 -29.74
CA ASP A 713 2.30 10.77 -28.99
C ASP A 713 0.98 11.12 -29.66
N SER A 714 -0.06 10.36 -29.35
CA SER A 714 -1.36 10.54 -29.97
C SER A 714 -2.38 9.76 -29.16
N GLU A 715 -3.66 9.96 -29.50
CA GLU A 715 -4.72 9.31 -28.75
C GLU A 715 -4.72 7.80 -28.96
N LEU A 716 -4.03 7.32 -30.00
CA LEU A 716 -4.04 5.89 -30.29
C LEU A 716 -2.74 5.18 -29.92
N GLY A 717 -1.60 5.85 -30.02
CA GLY A 717 -0.36 5.23 -29.56
C GLY A 717 -0.37 4.98 -28.06
N ARG A 718 -0.81 5.96 -27.29
CA ARG A 718 -0.93 5.78 -25.86
C ARG A 718 -1.97 4.72 -25.52
N PHE A 719 -3.06 4.66 -26.29
CA PHE A 719 -4.07 3.63 -26.08
C PHE A 719 -3.50 2.25 -26.29
N LEU A 720 -2.69 2.06 -27.34
CA LEU A 720 -2.13 0.75 -27.62
C LEU A 720 -1.11 0.34 -26.57
N VAL A 721 -0.24 1.27 -26.15
CA VAL A 721 0.72 0.96 -25.10
C VAL A 721 0.02 0.71 -23.76
N HIS A 722 -1.14 1.32 -23.53
CA HIS A 722 -1.93 1.07 -22.33
C HIS A 722 -2.64 -0.28 -22.37
N ARG A 723 -3.07 -0.74 -23.55
CA ARG A 723 -3.77 -2.02 -23.63
C ARG A 723 -2.83 -3.21 -23.63
N VAL A 724 -1.62 -3.07 -24.20
CA VAL A 724 -0.70 -4.20 -24.21
C VAL A 724 -0.36 -4.64 -22.78
N SER A 725 -0.03 -3.68 -21.92
CA SER A 725 0.33 -4.02 -20.55
C SER A 725 -0.88 -4.53 -19.76
N LYS A 726 -2.06 -3.98 -20.04
CA LYS A 726 -3.26 -4.41 -19.33
C LYS A 726 -3.65 -5.83 -19.70
N SER A 727 -3.33 -6.28 -20.92
CA SER A 727 -3.57 -7.68 -21.26
C SER A 727 -2.47 -8.59 -20.71
N HIS A 728 -1.23 -8.11 -20.69
CA HIS A 728 -0.15 -8.95 -20.17
C HIS A 728 -0.31 -9.21 -18.68
N THR A 729 -0.79 -8.23 -17.91
CA THR A 729 -1.01 -8.46 -16.49
C THR A 729 -2.05 -9.57 -16.26
N ALA A 730 -3.12 -9.57 -17.06
CA ALA A 730 -4.15 -10.59 -16.92
C ALA A 730 -3.61 -11.98 -17.26
N TRP A 731 -2.83 -12.08 -18.34
CA TRP A 731 -2.32 -13.41 -18.69
C TRP A 731 -1.30 -13.90 -17.67
N ALA A 732 -0.50 -13.00 -17.10
CA ALA A 732 0.40 -13.39 -16.03
C ALA A 732 -0.36 -13.86 -14.79
N THR A 733 -1.49 -13.21 -14.49
CA THR A 733 -2.32 -13.65 -13.36
C THR A 733 -2.90 -15.04 -13.59
N VAL A 734 -3.37 -15.32 -14.80
CA VAL A 734 -3.86 -16.67 -15.10
C VAL A 734 -2.75 -17.69 -14.91
N ASP A 735 -1.54 -17.38 -15.39
CA ASP A 735 -0.41 -18.28 -15.21
C ASP A 735 -0.12 -18.53 -13.73
N ARG A 736 -0.16 -17.47 -12.91
CA ARG A 736 0.16 -17.62 -11.49
C ARG A 736 -0.90 -18.44 -10.77
N LEU A 737 -2.17 -18.27 -11.13
CA LEU A 737 -3.21 -19.10 -10.51
C LEU A 737 -3.05 -20.56 -10.89
N ALA A 738 -2.69 -20.83 -12.14
CA ALA A 738 -2.44 -22.22 -12.55
C ALA A 738 -1.23 -22.81 -11.82
N ARG A 739 -0.24 -21.99 -11.48
CA ARG A 739 0.89 -22.53 -10.72
C ARG A 739 0.57 -22.73 -9.25
N GLN A 740 -0.32 -21.92 -8.68
CA GLN A 740 -0.71 -22.12 -7.28
C GLN A 740 -1.59 -23.35 -7.11
N ALA A 741 -2.46 -23.62 -8.10
CA ALA A 741 -3.32 -24.80 -8.02
C ALA A 741 -2.52 -26.10 -8.00
N LEU A 742 -1.42 -26.14 -8.76
CA LEU A 742 -0.54 -27.30 -8.75
C LEU A 742 0.01 -27.58 -7.36
N ARG A 743 0.56 -26.55 -6.74
CA ARG A 743 1.18 -26.69 -5.44
C ARG A 743 0.14 -26.96 -4.35
N LEU A 744 -1.11 -26.55 -4.56
CA LEU A 744 -2.15 -26.93 -3.62
C LEU A 744 -2.59 -28.38 -3.79
N ALA A 745 -2.70 -28.87 -5.03
CA ALA A 745 -3.12 -30.25 -5.26
C ALA A 745 -2.03 -31.25 -4.94
N LEU A 746 -0.75 -30.84 -4.93
CA LEU A 746 0.31 -31.74 -4.51
C LEU A 746 0.35 -31.96 -3.00
N ARG A 747 -0.34 -31.12 -2.23
CA ARG A 747 -0.32 -31.25 -0.78
C ARG A 747 -1.28 -32.34 -0.30
N ARG A 748 -2.18 -32.77 -1.18
CA ARG A 748 -3.12 -33.86 -0.90
C ARG A 748 -3.06 -34.87 -2.04
N GLU A 749 -3.85 -35.93 -1.97
CA GLU A 749 -4.05 -36.83 -3.11
C GLU A 749 -2.73 -37.45 -3.56
N GLU A 750 -2.24 -38.37 -2.73
CA GLU A 750 -0.93 -39.00 -2.95
C GLU A 750 -0.75 -39.53 -4.38
N ARG A 751 -1.85 -39.80 -5.10
CA ARG A 751 -1.71 -40.22 -6.49
C ARG A 751 -1.16 -39.10 -7.35
N THR A 752 -1.62 -37.87 -7.10
CA THR A 752 -1.04 -36.72 -7.79
C THR A 752 0.45 -36.61 -7.51
N ARG A 753 0.86 -36.92 -6.28
CA ARG A 753 2.28 -36.87 -5.93
C ARG A 753 3.05 -37.95 -6.68
N GLN A 754 2.48 -39.14 -6.81
CA GLN A 754 3.14 -40.20 -7.57
C GLN A 754 3.36 -39.78 -9.01
N VAL A 755 2.32 -39.27 -9.67
CA VAL A 755 2.47 -38.89 -11.08
C VAL A 755 3.43 -37.70 -11.20
N TYR A 756 3.44 -36.79 -10.22
CA TYR A 756 4.35 -35.66 -10.28
C TYR A 756 5.80 -36.11 -10.20
N GLU A 757 6.11 -37.04 -9.29
CA GLU A 757 7.47 -37.54 -9.21
C GLU A 757 7.84 -38.35 -10.44
N GLN A 758 6.88 -39.07 -11.03
CA GLN A 758 7.12 -39.70 -12.33
C GLN A 758 7.56 -38.68 -13.36
N LEU A 759 6.83 -37.58 -13.48
CA LEU A 759 7.17 -36.54 -14.46
C LEU A 759 8.54 -35.95 -14.18
N LEU A 760 8.85 -35.69 -12.90
CA LEU A 760 10.09 -35.00 -12.57
C LEU A 760 11.31 -35.89 -12.76
N SER A 761 11.18 -37.19 -12.46
CA SER A 761 12.34 -38.07 -12.52
C SER A 761 12.88 -38.23 -13.93
N GLY A 762 12.07 -37.96 -14.94
CA GLY A 762 12.55 -38.01 -16.30
C GLY A 762 11.72 -38.86 -17.23
N GLU A 763 11.14 -39.93 -16.68
CA GLU A 763 10.35 -40.85 -17.49
C GLU A 763 8.96 -40.28 -17.78
N LYS A 764 8.14 -41.08 -18.45
CA LYS A 764 6.82 -40.56 -18.74
C LYS A 764 5.74 -41.52 -18.23
N PRO A 765 4.63 -40.98 -17.75
CA PRO A 765 3.56 -41.83 -17.22
C PRO A 765 2.52 -42.19 -18.28
N SER A 766 1.60 -43.05 -17.88
CA SER A 766 0.54 -43.50 -18.77
C SER A 766 -0.39 -42.35 -19.13
N SER A 767 -1.32 -42.62 -20.05
CA SER A 767 -2.25 -41.59 -20.49
C SER A 767 -3.31 -41.29 -19.44
N GLU A 768 -3.91 -42.32 -18.84
CA GLU A 768 -4.95 -42.11 -17.85
C GLU A 768 -4.38 -41.46 -16.60
N SER A 769 -3.14 -41.79 -16.24
CA SER A 769 -2.51 -41.16 -15.08
C SER A 769 -2.31 -39.66 -15.31
N GLU A 770 -1.83 -39.28 -16.49
CA GLU A 770 -1.69 -37.87 -16.81
C GLU A 770 -3.06 -37.18 -16.82
N LYS A 771 -4.08 -37.87 -17.33
CA LYS A 771 -5.42 -37.27 -17.34
C LYS A 771 -5.92 -37.01 -15.94
N ALA A 772 -5.74 -37.98 -15.04
CA ALA A 772 -6.17 -37.79 -13.65
C ALA A 772 -5.38 -36.68 -12.98
N PHE A 773 -4.07 -36.61 -13.24
CA PHE A 773 -3.25 -35.55 -12.67
C PHE A 773 -3.77 -34.17 -13.08
N PHE A 774 -3.94 -33.97 -14.38
CA PHE A 774 -4.37 -32.66 -14.85
C PHE A 774 -5.80 -32.35 -14.43
N ASP A 775 -6.65 -33.37 -14.28
CA ASP A 775 -8.00 -33.12 -13.78
C ASP A 775 -7.99 -32.67 -12.33
N SER A 776 -7.11 -33.27 -11.50
CA SER A 776 -7.00 -32.81 -10.12
C SER A 776 -6.51 -31.38 -10.05
N VAL A 777 -5.50 -31.03 -10.85
CA VAL A 777 -5.00 -29.66 -10.82
C VAL A 777 -6.08 -28.68 -11.28
N PHE A 778 -6.84 -29.05 -12.30
CA PHE A 778 -7.89 -28.14 -12.76
C PHE A 778 -9.03 -28.03 -11.76
N SER A 779 -9.30 -29.07 -10.98
CA SER A 779 -10.31 -28.95 -9.94
C SER A 779 -9.82 -28.05 -8.81
N ALA A 780 -8.51 -28.02 -8.57
CA ALA A 780 -7.97 -27.15 -7.53
C ALA A 780 -7.87 -25.69 -7.97
N VAL A 781 -7.83 -25.42 -9.27
CA VAL A 781 -7.81 -24.03 -9.74
C VAL A 781 -8.96 -23.23 -9.13
N SER A 782 -10.15 -23.84 -9.08
CA SER A 782 -11.33 -23.15 -8.55
C SER A 782 -11.26 -22.93 -7.04
N VAL A 783 -10.69 -23.87 -6.30
CA VAL A 783 -10.49 -23.67 -4.87
C VAL A 783 -9.52 -22.54 -4.61
N VAL A 784 -8.51 -22.39 -5.47
CA VAL A 784 -7.53 -21.33 -5.28
C VAL A 784 -8.10 -19.96 -5.64
N SER A 785 -8.94 -19.90 -6.68
CA SER A 785 -9.44 -18.62 -7.17
C SER A 785 -10.50 -17.99 -6.28
N GLU A 786 -11.08 -18.73 -5.34
CA GLU A 786 -12.32 -18.32 -4.69
C GLU A 786 -12.14 -17.20 -3.66
N ALA A 787 -11.02 -17.18 -2.95
CA ALA A 787 -10.89 -16.31 -1.79
C ALA A 787 -10.97 -14.83 -2.16
N ASN A 788 -10.10 -14.37 -3.06
CA ASN A 788 -10.05 -12.96 -3.41
C ASN A 788 -11.04 -12.55 -4.48
N TYR A 789 -11.25 -13.38 -5.49
CA TYR A 789 -12.28 -13.16 -6.51
C TYR A 789 -13.44 -14.07 -6.15
N PHE A 790 -14.60 -13.48 -5.89
CA PHE A 790 -15.70 -14.31 -5.45
C PHE A 790 -16.22 -15.13 -6.62
N GLY A 791 -15.51 -16.20 -6.94
CA GLY A 791 -15.74 -16.98 -8.14
C GLY A 791 -14.45 -17.19 -8.90
N LEU A 792 -14.60 -17.37 -10.21
CA LEU A 792 -13.42 -17.52 -11.05
C LEU A 792 -12.84 -16.14 -11.39
N PHE A 793 -11.63 -16.15 -11.93
CA PHE A 793 -10.96 -14.89 -12.23
C PHE A 793 -11.47 -14.28 -13.52
N TRP A 794 -11.77 -15.10 -14.51
CA TRP A 794 -12.23 -14.64 -15.82
C TRP A 794 -13.74 -14.67 -15.96
N ASP A 795 -14.47 -14.66 -14.84
CA ASP A 795 -15.91 -14.90 -14.86
C ASP A 795 -16.67 -13.58 -14.80
N PHE A 796 -16.53 -12.82 -15.88
CA PHE A 796 -17.24 -11.56 -16.08
C PHE A 796 -17.15 -11.26 -17.57
N PRO A 797 -17.79 -10.22 -18.10
CA PRO A 797 -17.66 -9.97 -19.54
C PRO A 797 -16.27 -9.47 -19.90
N SER A 798 -15.43 -10.38 -20.40
CA SER A 798 -14.02 -10.09 -20.62
C SER A 798 -13.59 -10.81 -21.90
N ALA A 799 -13.73 -10.13 -23.02
CA ALA A 799 -13.20 -10.59 -24.30
C ALA A 799 -12.29 -9.57 -24.94
N GLY A 800 -12.26 -8.33 -24.45
CA GLY A 800 -11.26 -7.38 -24.88
C GLY A 800 -10.03 -7.41 -24.01
N LEU A 801 -10.14 -7.96 -22.80
CA LEU A 801 -8.98 -8.11 -21.93
C LEU A 801 -8.19 -9.36 -22.31
N PHE A 802 -8.81 -10.52 -22.20
CA PHE A 802 -8.27 -11.72 -22.80
C PHE A 802 -8.61 -11.72 -24.29
N GLY A 803 -7.99 -12.63 -25.03
CA GLY A 803 -8.41 -12.74 -26.40
C GLY A 803 -9.53 -13.72 -26.64
N VAL A 804 -10.02 -14.36 -25.59
CA VAL A 804 -10.95 -15.48 -25.68
C VAL A 804 -12.22 -15.14 -24.93
N PRO A 805 -13.40 -15.35 -25.50
CA PRO A 805 -14.63 -15.15 -24.72
C PRO A 805 -14.70 -16.13 -23.57
N PRO A 806 -15.34 -15.75 -22.45
CA PRO A 806 -15.25 -16.58 -21.25
C PRO A 806 -15.81 -17.99 -21.41
N GLU A 807 -16.60 -18.22 -22.46
CA GLU A 807 -17.15 -19.56 -22.66
C GLU A 807 -16.08 -20.53 -23.13
N GLU A 808 -15.14 -20.05 -23.94
CA GLU A 808 -14.02 -20.85 -24.42
C GLU A 808 -12.76 -20.66 -23.58
N MET A 809 -12.88 -20.19 -22.34
CA MET A 809 -11.71 -19.97 -21.51
C MET A 809 -11.40 -21.17 -20.64
N GLN A 810 -12.44 -21.91 -20.24
CA GLN A 810 -12.22 -23.14 -19.49
C GLN A 810 -11.46 -24.17 -20.32
N ALA A 811 -11.78 -24.24 -21.61
CA ALA A 811 -11.17 -25.24 -22.49
C ALA A 811 -9.79 -24.87 -22.96
N TYR A 812 -9.34 -23.64 -22.72
CA TYR A 812 -7.97 -23.25 -23.04
C TYR A 812 -7.01 -23.53 -21.91
N VAL A 813 -7.40 -23.25 -20.67
CA VAL A 813 -6.51 -23.48 -19.54
C VAL A 813 -6.31 -24.98 -19.30
N ARG A 814 -7.35 -25.77 -19.54
CA ARG A 814 -7.25 -27.19 -19.23
C ARG A 814 -6.35 -27.92 -20.22
N LYS A 815 -6.46 -27.60 -21.51
CA LYS A 815 -5.76 -28.34 -22.54
C LYS A 815 -4.40 -27.77 -22.88
N THR A 816 -4.24 -26.45 -22.81
CA THR A 816 -3.00 -25.83 -23.27
C THR A 816 -2.13 -25.33 -22.12
N HIS A 817 -2.69 -24.56 -21.19
CA HIS A 817 -1.85 -23.88 -20.22
C HIS A 817 -1.37 -24.79 -19.09
N LEU A 818 -2.11 -25.85 -18.77
CA LEU A 818 -1.65 -26.77 -17.73
C LEU A 818 -0.51 -27.65 -18.18
N ALA A 819 -0.14 -27.62 -19.45
CA ALA A 819 1.03 -28.36 -19.90
C ALA A 819 2.31 -27.56 -19.73
N PHE A 820 2.21 -26.23 -19.67
CA PHE A 820 3.38 -25.39 -19.49
C PHE A 820 3.92 -25.48 -18.07
N VAL A 821 3.03 -25.56 -17.08
CA VAL A 821 3.37 -25.39 -15.68
C VAL A 821 3.34 -26.73 -14.95
N GLY A 822 3.49 -27.82 -15.70
CA GLY A 822 3.32 -29.13 -15.10
C GLY A 822 4.54 -29.59 -14.32
N LYS A 823 5.73 -29.37 -14.86
CA LYS A 823 6.98 -29.80 -14.25
C LYS A 823 7.67 -28.61 -13.61
N MET A 824 7.29 -28.29 -12.38
CA MET A 824 7.80 -27.13 -11.68
C MET A 824 8.62 -27.60 -10.49
N TRP A 825 9.84 -27.08 -10.38
CA TRP A 825 10.81 -27.62 -9.44
C TRP A 825 10.36 -27.42 -7.99
N PRO A 826 10.70 -28.34 -7.10
CA PRO A 826 10.41 -28.15 -5.69
C PRO A 826 11.13 -26.95 -5.12
N VAL A 827 10.82 -26.62 -3.86
CA VAL A 827 11.27 -25.36 -3.29
C VAL A 827 12.77 -25.39 -2.98
N GLU A 828 13.29 -26.56 -2.61
CA GLU A 828 14.71 -26.63 -2.27
C GLU A 828 15.58 -26.33 -3.49
N THR A 829 15.15 -26.74 -4.68
CA THR A 829 15.90 -26.43 -5.89
C THR A 829 15.84 -24.93 -6.20
N GLN A 830 14.67 -24.34 -6.05
CA GLN A 830 14.54 -22.89 -6.25
C GLN A 830 15.47 -22.13 -5.32
N LYS A 831 15.60 -22.59 -4.08
CA LYS A 831 16.47 -21.88 -3.15
C LYS A 831 17.94 -22.13 -3.44
N LYS A 832 18.30 -23.33 -3.89
CA LYS A 832 19.71 -23.61 -4.17
C LYS A 832 20.22 -22.82 -5.36
N ILE A 833 19.44 -22.75 -6.45
CA ILE A 833 19.99 -22.02 -7.59
C ILE A 833 20.03 -20.51 -7.31
N LEU A 834 19.09 -20.00 -6.49
CA LEU A 834 19.14 -18.59 -6.14
C LEU A 834 20.33 -18.30 -5.22
N GLU A 835 20.62 -19.20 -4.29
CA GLU A 835 21.79 -19.01 -3.43
C GLU A 835 23.07 -18.99 -4.25
N ALA A 836 23.21 -19.93 -5.19
CA ALA A 836 24.41 -19.96 -6.02
C ALA A 836 24.49 -18.79 -6.99
N ALA A 837 23.37 -18.20 -7.40
CA ALA A 837 23.41 -16.99 -8.22
C ALA A 837 23.65 -15.72 -7.41
N VAL A 838 23.34 -15.74 -6.12
CA VAL A 838 23.68 -14.60 -5.27
C VAL A 838 25.15 -14.64 -4.86
N ARG A 839 25.72 -15.84 -4.72
CA ARG A 839 27.14 -15.94 -4.39
C ARG A 839 28.06 -15.75 -5.59
N VAL A 840 27.54 -15.39 -6.76
CA VAL A 840 28.37 -15.04 -7.92
C VAL A 840 28.42 -13.54 -8.12
N THR A 841 27.31 -12.85 -7.86
CA THR A 841 27.29 -11.40 -7.90
C THR A 841 28.30 -10.79 -6.93
N VAL A 842 28.51 -11.42 -5.78
CA VAL A 842 29.42 -10.87 -4.79
C VAL A 842 30.87 -10.99 -5.26
N ARG A 843 31.20 -12.02 -6.03
CA ARG A 843 32.53 -12.05 -6.66
C ARG A 843 32.60 -11.05 -7.80
N GLY A 844 31.52 -10.88 -8.54
CA GLY A 844 31.56 -10.04 -9.73
C GLY A 844 31.85 -8.59 -9.41
N LEU A 845 31.24 -8.06 -8.36
CA LEU A 845 31.47 -6.68 -7.95
C LEU A 845 32.51 -6.66 -6.85
N ASN A 846 33.63 -5.96 -7.10
CA ASN A 846 34.79 -6.07 -6.23
C ASN A 846 34.62 -5.29 -4.93
N ALA A 847 33.74 -4.31 -4.91
CA ALA A 847 33.62 -3.46 -3.73
C ALA A 847 33.00 -4.22 -2.57
N SER A 848 33.15 -3.66 -1.38
CA SER A 848 32.52 -4.21 -0.20
C SER A 848 31.03 -3.85 -0.18
N LEU A 849 30.32 -4.42 0.77
CA LEU A 849 28.89 -4.22 0.89
C LEU A 849 28.58 -3.16 1.95
N PRO A 850 27.42 -2.51 1.87
CA PRO A 850 27.09 -1.45 2.83
C PRO A 850 26.88 -1.94 4.25
N ALA A 851 26.47 -1.02 5.13
CA ALA A 851 26.29 -1.33 6.55
C ALA A 851 24.89 -1.82 6.86
N SER A 852 23.86 -1.12 6.37
CA SER A 852 22.50 -1.52 6.64
C SER A 852 22.06 -2.59 5.66
N LEU A 853 21.36 -3.61 6.17
CA LEU A 853 20.98 -4.75 5.34
C LEU A 853 20.04 -4.36 4.21
N VAL A 854 19.30 -3.26 4.34
CA VAL A 854 18.45 -2.80 3.25
C VAL A 854 19.31 -2.44 2.03
N ASP A 855 20.42 -1.74 2.25
CA ASP A 855 21.29 -1.36 1.13
C ASP A 855 22.02 -2.57 0.57
N VAL A 856 22.40 -3.53 1.42
CA VAL A 856 23.01 -4.76 0.93
C VAL A 856 22.06 -5.47 -0.02
N TYR A 857 20.81 -5.66 0.41
CA TYR A 857 19.83 -6.27 -0.47
C TYR A 857 19.67 -5.47 -1.76
N ALA A 858 19.58 -4.15 -1.65
CA ALA A 858 19.38 -3.32 -2.83
C ALA A 858 20.47 -3.53 -3.87
N THR A 859 21.74 -3.41 -3.46
CA THR A 859 22.83 -3.55 -4.43
C THR A 859 22.92 -4.97 -4.96
N VAL A 860 22.88 -5.96 -4.08
CA VAL A 860 23.05 -7.35 -4.51
C VAL A 860 21.95 -7.77 -5.46
N PHE A 861 20.71 -7.36 -5.20
CA PHE A 861 19.60 -7.78 -6.05
C PHE A 861 19.34 -6.83 -7.20
N ALA A 862 20.04 -5.70 -7.28
CA ALA A 862 19.96 -4.90 -8.50
C ALA A 862 21.04 -5.24 -9.49
N ALA A 863 22.20 -5.74 -9.04
CA ALA A 863 23.27 -6.13 -9.94
C ALA A 863 23.21 -7.61 -10.32
N LEU A 864 22.08 -8.26 -10.10
CA LEU A 864 21.94 -9.71 -10.27
C LEU A 864 21.70 -10.16 -11.70
N PRO A 865 20.90 -9.45 -12.51
CA PRO A 865 20.65 -9.97 -13.87
C PRO A 865 21.87 -10.01 -14.77
N THR A 866 22.85 -9.15 -14.54
CA THR A 866 23.95 -9.02 -15.50
C THR A 866 25.18 -9.86 -15.14
N LYS A 867 25.39 -10.16 -13.87
CA LYS A 867 26.61 -10.84 -13.43
C LYS A 867 26.37 -12.29 -13.04
N ALA A 868 25.15 -12.77 -13.14
CA ALA A 868 24.79 -14.13 -12.79
C ALA A 868 24.55 -14.94 -14.06
N PRO A 869 24.80 -16.25 -14.03
CA PRO A 869 24.53 -17.06 -15.22
C PRO A 869 23.05 -17.24 -15.50
N VAL A 870 22.23 -17.46 -14.47
CA VAL A 870 20.80 -17.64 -14.62
C VAL A 870 20.10 -16.35 -14.19
N SER A 871 19.17 -15.88 -15.00
CA SER A 871 18.45 -14.66 -14.68
C SER A 871 17.43 -14.93 -13.58
N PRO A 872 17.21 -13.96 -12.69
CA PRO A 872 16.22 -14.14 -11.63
C PRO A 872 14.82 -14.20 -12.21
N PRO A 873 13.84 -14.70 -11.45
CA PRO A 873 12.48 -14.75 -12.00
C PRO A 873 11.81 -13.39 -12.09
N PHE A 874 12.13 -12.47 -11.18
CA PHE A 874 11.57 -11.13 -11.22
C PHE A 874 12.66 -10.11 -10.95
N LEU A 875 12.40 -8.86 -11.32
CA LEU A 875 13.39 -7.80 -11.23
C LEU A 875 13.30 -7.10 -9.87
N TYR A 876 14.28 -6.23 -9.62
CA TYR A 876 14.32 -5.48 -8.38
C TYR A 876 13.32 -4.32 -8.43
N GLY A 877 12.55 -4.16 -7.36
CA GLY A 877 11.56 -3.11 -7.27
C GLY A 877 10.19 -3.49 -7.77
N LEU A 878 10.12 -4.49 -8.66
CA LEU A 878 8.86 -5.00 -9.20
C LEU A 878 8.49 -6.34 -8.59
N GLU A 879 8.76 -6.54 -7.31
CA GLU A 879 8.58 -7.81 -6.63
C GLU A 879 7.30 -7.81 -5.82
N ARG A 880 6.78 -9.01 -5.57
CA ARG A 880 5.46 -9.20 -5.01
C ARG A 880 5.54 -10.28 -3.94
N GLU A 881 4.51 -10.35 -3.11
CA GLU A 881 4.44 -11.35 -2.05
C GLU A 881 4.02 -12.72 -2.58
N GLU A 882 3.20 -12.75 -3.63
CA GLU A 882 2.78 -14.02 -4.20
C GLU A 882 3.93 -14.75 -4.85
N TYR A 883 4.78 -14.04 -5.61
CA TYR A 883 5.96 -14.66 -6.21
C TYR A 883 6.79 -15.37 -5.15
N SER A 884 7.10 -14.67 -4.06
CA SER A 884 8.00 -15.20 -3.04
C SER A 884 7.34 -16.34 -2.28
N SER A 885 6.07 -16.18 -1.92
CA SER A 885 5.37 -17.24 -1.19
C SER A 885 5.16 -18.47 -2.05
N LEU A 886 5.16 -18.31 -3.37
CA LEU A 886 4.98 -19.44 -4.26
C LEU A 886 6.29 -20.17 -4.53
N LEU A 887 7.36 -19.41 -4.81
CA LEU A 887 8.61 -20.03 -5.21
C LEU A 887 9.45 -20.47 -4.01
N PHE A 888 9.52 -19.65 -2.97
CA PHE A 888 10.48 -19.85 -1.89
C PHE A 888 9.85 -20.15 -0.53
N ASP A 889 8.53 -20.13 -0.42
CA ASP A 889 7.84 -20.34 0.87
C ASP A 889 8.25 -19.30 1.89
N ALA A 890 8.30 -18.04 1.49
CA ALA A 890 8.75 -16.97 2.37
C ALA A 890 8.00 -15.69 2.05
N LYS A 891 7.67 -14.95 3.09
CA LYS A 891 7.09 -13.63 2.91
C LYS A 891 8.14 -12.67 2.34
N LEU A 892 7.70 -11.46 1.99
CA LEU A 892 8.64 -10.53 1.36
C LEU A 892 9.72 -10.07 2.32
N PRO A 893 9.42 -9.56 3.53
CA PRO A 893 10.51 -9.19 4.44
C PRO A 893 11.34 -10.37 4.93
N GLU A 894 10.88 -11.61 4.74
CA GLU A 894 11.71 -12.77 5.00
C GLU A 894 12.54 -13.17 3.79
N PHE A 895 12.03 -12.94 2.58
CA PHE A 895 12.81 -13.19 1.39
C PHE A 895 14.01 -12.25 1.31
N LYS A 896 13.80 -10.96 1.59
CA LYS A 896 14.91 -10.01 1.56
C LYS A 896 15.96 -10.36 2.62
N GLU A 897 15.51 -10.75 3.80
CA GLU A 897 16.43 -11.13 4.87
C GLU A 897 17.15 -12.44 4.55
N MET A 898 16.52 -13.30 3.74
CA MET A 898 17.19 -14.50 3.27
C MET A 898 18.30 -14.16 2.29
N VAL A 899 18.08 -13.17 1.42
CA VAL A 899 19.10 -12.80 0.43
C VAL A 899 20.29 -12.11 1.09
N ALA A 900 20.01 -11.17 2.01
CA ALA A 900 21.08 -10.37 2.61
C ALA A 900 22.08 -11.23 3.36
N PHE A 901 21.62 -12.25 4.06
CA PHE A 901 22.51 -13.09 4.85
C PHE A 901 23.46 -13.88 3.96
N TRP A 902 22.95 -14.46 2.88
CA TRP A 902 23.81 -15.13 1.91
C TRP A 902 24.88 -14.18 1.40
N ALA A 903 24.48 -12.96 1.05
CA ALA A 903 25.44 -12.00 0.52
C ALA A 903 26.55 -11.69 1.54
N THR A 904 26.17 -11.37 2.78
CA THR A 904 27.18 -10.98 3.76
C THR A 904 28.10 -12.14 4.13
N ARG A 905 27.56 -13.36 4.24
CA ARG A 905 28.40 -14.50 4.57
C ARG A 905 29.40 -14.78 3.46
N HIS A 906 28.98 -14.69 2.19
CA HIS A 906 29.97 -14.90 1.14
C HIS A 906 30.98 -13.76 1.10
N GLU A 907 30.59 -12.55 1.48
CA GLU A 907 31.57 -11.47 1.61
C GLU A 907 32.65 -11.83 2.61
N LEU A 908 32.25 -12.35 3.77
CA LEU A 908 33.23 -12.77 4.77
C LEU A 908 34.12 -13.89 4.25
N ASN A 909 33.54 -14.84 3.51
CA ASN A 909 34.34 -15.92 2.93
C ASN A 909 35.39 -15.39 1.97
N ILE A 910 34.98 -14.50 1.06
CA ILE A 910 35.91 -13.93 0.09
C ILE A 910 37.01 -13.15 0.80
N ALA A 911 36.65 -12.46 1.88
CA ALA A 911 37.67 -11.70 2.61
C ALA A 911 38.66 -12.62 3.32
N VAL A 912 38.21 -13.77 3.81
CA VAL A 912 39.14 -14.68 4.49
C VAL A 912 40.06 -15.36 3.50
N GLN A 913 39.56 -15.66 2.30
CA GLN A 913 40.37 -16.39 1.33
C GLN A 913 41.62 -15.61 0.93
N THR A 914 41.48 -14.32 0.61
CA THR A 914 42.63 -13.55 0.17
C THR A 914 43.66 -13.41 1.30
N ALA A 915 43.20 -13.18 2.52
CA ALA A 915 44.12 -13.07 3.64
C ALA A 915 44.88 -14.37 3.87
N VAL A 916 44.19 -15.51 3.77
CA VAL A 916 44.89 -16.79 3.88
C VAL A 916 45.89 -16.93 2.74
N GLY A 917 45.58 -16.34 1.58
CA GLY A 917 46.51 -16.39 0.47
C GLY A 917 47.78 -15.58 0.71
N LYS A 918 47.65 -14.43 1.39
CA LYS A 918 48.81 -13.57 1.59
C LYS A 918 49.83 -14.19 2.55
N ILE A 919 49.36 -14.90 3.56
CA ILE A 919 50.24 -15.51 4.56
C ILE A 919 51.08 -16.59 3.89
N PRO A 920 52.42 -16.56 4.04
CA PRO A 920 53.28 -17.61 3.49
C PRO A 920 53.16 -18.93 4.24
N GLU A 935 44.68 -13.41 12.64
CA GLU A 935 44.92 -12.60 11.45
C GLU A 935 44.26 -11.21 11.55
N GLY A 936 45.05 -10.23 11.99
CA GLY A 936 44.60 -8.85 12.01
C GLY A 936 44.85 -8.17 10.68
N MET A 937 44.59 -8.88 9.59
CA MET A 937 44.73 -8.36 8.23
C MET A 937 43.44 -8.49 7.43
N LEU A 938 42.33 -8.81 8.09
CA LEU A 938 41.01 -8.70 7.50
C LEU A 938 40.75 -7.24 7.10
N PRO A 939 39.76 -6.99 6.26
CA PRO A 939 39.42 -5.60 5.92
C PRO A 939 39.01 -4.81 7.14
N ALA A 940 38.82 -3.51 6.93
CA ALA A 940 38.61 -2.55 8.00
C ALA A 940 37.28 -2.71 8.73
N HIS A 941 36.32 -3.53 8.31
CA HIS A 941 35.06 -3.63 9.05
C HIS A 941 34.61 -5.06 9.24
N LEU A 942 35.56 -6.00 9.32
CA LEU A 942 35.26 -7.39 9.59
C LEU A 942 36.08 -7.97 10.74
N ARG A 943 36.90 -7.16 11.40
CA ARG A 943 37.75 -7.69 12.47
C ARG A 943 36.93 -8.15 13.67
N SER A 944 35.90 -7.38 14.03
CA SER A 944 35.03 -7.73 15.16
C SER A 944 33.60 -7.37 14.78
N PRO A 945 32.98 -8.15 13.90
CA PRO A 945 31.63 -7.80 13.43
C PRO A 945 30.55 -8.29 14.37
N SER A 946 29.42 -7.63 14.33
CA SER A 946 28.28 -8.02 15.15
C SER A 946 27.60 -9.22 14.51
N PRO A 947 27.42 -10.32 15.23
CA PRO A 947 26.84 -11.52 14.63
C PRO A 947 25.39 -11.35 14.18
N ALA A 948 24.86 -10.14 14.26
CA ALA A 948 23.54 -9.85 13.71
C ALA A 948 23.61 -9.40 12.26
N ARG A 949 24.79 -9.00 11.77
CA ARG A 949 24.97 -8.74 10.35
C ARG A 949 24.89 -10.04 9.56
N PHE A 950 25.41 -11.12 10.12
CA PHE A 950 25.23 -12.46 9.59
C PHE A 950 23.92 -13.00 10.16
N GLY A 951 23.69 -14.30 10.10
CA GLY A 951 22.57 -14.87 10.79
C GLY A 951 22.97 -15.64 12.03
N TRP A 952 24.29 -15.77 12.23
CA TRP A 952 24.82 -16.65 13.25
C TRP A 952 24.42 -16.20 14.65
N PRO A 953 24.46 -17.11 15.61
CA PRO A 953 24.51 -16.73 17.02
C PRO A 953 25.92 -16.34 17.40
N PRO A 954 26.13 -15.72 18.57
CA PRO A 954 27.48 -15.23 18.92
C PRO A 954 28.53 -16.33 19.08
N GLU A 955 28.17 -17.60 18.96
CA GLU A 955 29.12 -18.70 19.15
C GLU A 955 29.55 -19.35 17.85
N ALA A 956 28.94 -18.98 16.72
CA ALA A 956 29.21 -19.64 15.46
C ALA A 956 30.20 -18.91 14.57
N VAL A 957 30.49 -17.64 14.83
CA VAL A 957 31.37 -16.89 13.95
C VAL A 957 32.80 -17.40 14.05
N ALA A 958 33.29 -17.60 15.27
CA ALA A 958 34.65 -18.08 15.48
C ALA A 958 34.82 -19.54 15.12
N ASP A 959 33.77 -20.22 14.67
CA ASP A 959 33.95 -21.54 14.08
C ASP A 959 33.79 -21.51 12.57
N ASN A 960 32.89 -20.67 12.06
CA ASN A 960 32.78 -20.52 10.62
C ASN A 960 34.07 -19.97 10.03
N ILE A 961 34.77 -19.11 10.77
CA ILE A 961 36.06 -18.63 10.29
C ILE A 961 37.07 -19.78 10.21
N ARG A 962 37.05 -20.68 11.19
CA ARG A 962 37.97 -21.81 11.15
C ARG A 962 37.62 -22.75 10.00
N LEU A 963 36.34 -22.89 9.70
CA LEU A 963 35.93 -23.71 8.56
C LEU A 963 36.41 -23.10 7.24
N PHE A 964 36.23 -21.78 7.09
CA PHE A 964 36.71 -21.11 5.88
C PHE A 964 38.21 -21.28 5.73
N ILE A 965 38.95 -21.22 6.85
CA ILE A 965 40.40 -21.41 6.78
C ILE A 965 40.74 -22.82 6.33
N ARG A 966 40.08 -23.82 6.93
CA ARG A 966 40.37 -25.21 6.58
C ARG A 966 40.00 -25.51 5.13
N GLU A 967 39.09 -24.73 4.55
CA GLU A 967 38.74 -24.90 3.15
C GLU A 967 39.71 -24.18 2.21
N ALA A 968 40.12 -22.97 2.57
CA ALA A 968 41.10 -22.26 1.75
C ALA A 968 42.45 -22.97 1.75
N LYS A 969 42.77 -23.71 2.81
CA LYS A 969 43.99 -24.51 2.79
C LYS A 969 43.97 -25.53 1.66
N ASP A 970 42.84 -26.20 1.45
CA ASP A 970 42.73 -27.16 0.35
C ASP A 970 42.72 -26.46 -1.00
N GLU A 971 41.99 -25.35 -1.10
CA GLU A 971 41.98 -24.60 -2.36
C GLU A 971 43.38 -24.16 -2.75
N LEU A 972 44.25 -23.88 -1.78
CA LEU A 972 45.64 -23.56 -2.07
C LEU A 972 46.47 -24.79 -2.38
N ALA A 973 46.27 -25.89 -1.65
CA ALA A 973 47.04 -27.10 -1.91
C ALA A 973 46.73 -27.66 -3.29
N LEU A 974 45.61 -27.24 -3.89
CA LEU A 974 45.29 -27.67 -5.24
C LEU A 974 46.38 -27.30 -6.24
N HIS A 975 46.87 -26.06 -6.16
CA HIS A 975 47.86 -25.58 -7.12
C HIS A 975 49.14 -26.39 -7.03
N GLY A 976 49.79 -26.60 -8.17
CA GLY A 976 51.00 -27.37 -8.22
C GLY A 976 51.64 -27.33 -9.59
N PRO A 977 52.79 -28.00 -9.74
CA PRO A 977 53.43 -28.04 -11.06
C PRO A 977 52.71 -28.92 -12.06
N ASP A 978 52.15 -30.05 -11.61
CA ASP A 978 51.49 -30.97 -12.52
C ASP A 978 50.12 -30.47 -12.95
N MET A 979 49.36 -29.90 -12.02
CA MET A 979 48.03 -29.41 -12.33
C MET A 979 48.10 -28.22 -13.29
N VAL A 980 47.01 -28.03 -14.04
CA VAL A 980 46.86 -26.92 -14.96
C VAL A 980 45.43 -26.41 -14.85
N HIS A 981 45.28 -25.10 -14.86
CA HIS A 981 43.99 -24.42 -14.72
C HIS A 981 43.66 -23.72 -16.02
N ASN A 982 42.39 -23.70 -16.38
CA ASN A 982 41.94 -22.95 -17.55
C ASN A 982 40.45 -22.73 -17.45
N ARG A 983 39.84 -22.31 -18.56
CA ARG A 983 38.40 -22.13 -18.64
C ARG A 983 37.88 -22.83 -19.89
N ILE A 984 36.63 -23.25 -19.85
CA ILE A 984 36.01 -23.94 -20.97
C ILE A 984 34.70 -23.24 -21.32
N ARG A 985 34.34 -23.30 -22.59
CA ARG A 985 33.16 -22.64 -23.12
C ARG A 985 32.02 -23.62 -23.27
N VAL A 986 30.83 -23.21 -22.83
CA VAL A 986 29.60 -23.99 -23.00
C VAL A 986 28.51 -23.00 -23.39
N ASN A 987 27.34 -23.54 -23.73
CA ASN A 987 26.19 -22.69 -23.98
C ASN A 987 25.57 -22.26 -22.66
N GLY A 988 25.02 -21.05 -22.64
CA GLY A 988 24.48 -20.53 -21.40
C GLY A 988 23.06 -20.05 -21.51
N ARG A 989 22.81 -18.82 -21.05
CA ARG A 989 21.48 -18.25 -21.08
C ARG A 989 20.92 -18.26 -22.50
N SER A 990 19.60 -18.38 -22.60
CA SER A 990 18.91 -18.48 -23.89
C SER A 990 18.25 -17.14 -24.18
N LYS A 991 18.87 -16.35 -25.06
CA LYS A 991 18.24 -15.09 -25.45
C LYS A 991 17.42 -15.30 -26.71
N PRO A 992 16.26 -14.64 -26.85
CA PRO A 992 15.40 -14.82 -28.01
C PRO A 992 16.00 -14.26 -29.30
N PHE A 1000 19.27 -18.61 -30.42
CA PHE A 1000 20.66 -18.90 -30.10
C PHE A 1000 20.94 -18.62 -28.64
N HIS A 1001 22.14 -18.97 -28.18
CA HIS A 1001 22.52 -18.89 -26.78
C HIS A 1001 23.77 -18.02 -26.61
N GLU A 1002 23.97 -17.55 -25.38
CA GLU A 1002 25.21 -16.89 -25.03
C GLU A 1002 26.30 -17.92 -24.79
N ILE A 1003 27.53 -17.48 -24.87
CA ILE A 1003 28.65 -18.34 -24.48
C ILE A 1003 28.99 -18.07 -23.02
N PHE A 1004 29.22 -19.15 -22.27
CA PHE A 1004 29.47 -19.06 -20.85
C PHE A 1004 30.68 -19.91 -20.52
N ARG A 1005 31.64 -19.32 -19.83
CA ARG A 1005 32.93 -19.96 -19.63
C ARG A 1005 33.19 -20.21 -18.16
N LYS A 1006 33.51 -21.47 -17.84
CA LYS A 1006 33.62 -21.94 -16.46
C LYS A 1006 35.01 -22.53 -16.23
N ALA A 1007 35.56 -22.30 -15.03
CA ALA A 1007 36.93 -22.67 -14.73
C ALA A 1007 37.06 -24.16 -14.47
N ILE A 1008 38.23 -24.70 -14.82
CA ILE A 1008 38.53 -26.12 -14.76
C ILE A 1008 39.98 -26.29 -14.32
N ALA A 1009 40.26 -27.38 -13.61
CA ALA A 1009 41.61 -27.69 -13.16
C ALA A 1009 41.84 -29.19 -13.29
N PHE A 1010 42.86 -29.60 -14.03
CA PHE A 1010 43.09 -31.01 -14.29
C PHE A 1010 44.58 -31.29 -14.39
N LYS A 1011 44.92 -32.56 -14.56
CA LYS A 1011 46.30 -32.96 -14.74
C LYS A 1011 46.69 -32.95 -16.21
N LYS A 1012 47.99 -33.03 -16.48
CA LYS A 1012 48.46 -33.07 -17.85
C LYS A 1012 48.40 -34.46 -18.45
N ASP A 1013 48.31 -35.50 -17.62
CA ASP A 1013 48.29 -36.88 -18.10
C ASP A 1013 46.92 -37.27 -18.63
N ILE A 1014 45.89 -36.50 -18.31
CA ILE A 1014 44.52 -36.86 -18.65
C ILE A 1014 44.36 -36.88 -20.17
N SER A 1015 43.49 -37.78 -20.66
CA SER A 1015 43.14 -37.86 -22.07
C SER A 1015 41.65 -37.63 -22.25
N VAL A 1016 41.23 -37.52 -23.50
CA VAL A 1016 39.83 -37.25 -23.79
C VAL A 1016 38.95 -38.40 -23.33
N LEU A 1017 39.51 -39.62 -23.29
CA LEU A 1017 38.79 -40.77 -22.75
C LEU A 1017 38.24 -40.47 -21.36
N GLN A 1018 39.14 -40.19 -20.41
CA GLN A 1018 38.73 -39.88 -19.05
C GLN A 1018 38.16 -38.47 -18.91
N PHE A 1019 38.32 -37.62 -19.92
CA PHE A 1019 37.78 -36.27 -19.84
C PHE A 1019 36.30 -36.24 -20.16
N ASN A 1020 35.84 -37.07 -21.10
CA ASN A 1020 34.43 -37.07 -21.44
C ASN A 1020 33.60 -37.78 -20.36
N GLN A 1021 34.18 -38.79 -19.72
CA GLN A 1021 33.43 -39.56 -18.74
C GLN A 1021 33.06 -38.72 -17.53
N PHE A 1022 33.94 -37.81 -17.11
CA PHE A 1022 33.64 -36.97 -15.96
C PHE A 1022 32.41 -36.10 -16.21
N PHE A 1023 32.36 -35.45 -17.37
CA PHE A 1023 31.22 -34.60 -17.64
C PHE A 1023 29.97 -35.42 -17.96
N THR A 1024 30.14 -36.65 -18.45
CA THR A 1024 28.98 -37.53 -18.57
C THR A 1024 28.39 -37.84 -17.21
N ASP A 1025 29.24 -38.12 -16.22
CA ASP A 1025 28.75 -38.37 -14.87
C ASP A 1025 28.22 -37.10 -14.21
N ILE A 1026 28.66 -35.92 -14.67
CA ILE A 1026 28.08 -34.68 -14.16
C ILE A 1026 26.69 -34.45 -14.74
N LEU A 1027 26.48 -34.80 -16.01
CA LEU A 1027 25.15 -34.64 -16.60
C LEU A 1027 24.09 -35.49 -15.90
N LYS A 1028 24.49 -36.50 -15.12
CA LYS A 1028 23.51 -37.37 -14.49
C LYS A 1028 22.71 -36.66 -13.41
N GLN A 1029 23.26 -35.62 -12.80
CA GLN A 1029 22.58 -34.89 -11.74
C GLN A 1029 21.96 -33.58 -12.22
N SER A 1030 21.68 -33.44 -13.50
CA SER A 1030 21.13 -32.19 -14.01
C SER A 1030 19.73 -31.96 -13.46
N PHE A 1031 19.31 -30.69 -13.46
CA PHE A 1031 17.96 -30.36 -13.03
C PHE A 1031 16.95 -30.62 -14.13
N ASP A 1032 17.30 -30.30 -15.37
CA ASP A 1032 16.42 -30.56 -16.50
C ASP A 1032 16.22 -32.06 -16.65
N PRO A 1033 14.98 -32.56 -16.60
CA PRO A 1033 14.79 -34.02 -16.67
C PRO A 1033 15.12 -34.61 -18.03
N GLN A 1034 15.16 -33.78 -19.07
CA GLN A 1034 15.40 -34.30 -20.41
C GLN A 1034 16.86 -34.68 -20.61
N CYS A 1035 17.79 -33.83 -20.14
CA CYS A 1035 19.22 -34.05 -20.35
C CYS A 1035 19.84 -34.99 -19.35
N ARG A 1036 19.07 -35.84 -18.67
CA ARG A 1036 19.69 -36.83 -17.79
C ARG A 1036 20.25 -38.01 -18.57
N ARG A 1037 20.12 -38.01 -19.90
CA ARG A 1037 20.64 -39.09 -20.73
C ARG A 1037 21.35 -38.47 -21.92
N PHE A 1038 22.62 -38.10 -21.73
CA PHE A 1038 23.39 -37.42 -22.76
C PHE A 1038 24.84 -37.89 -22.63
N ILE A 1039 25.68 -37.49 -23.57
CA ILE A 1039 27.03 -38.04 -23.67
C ILE A 1039 28.12 -37.03 -23.34
N ALA A 1040 27.96 -35.76 -23.70
CA ALA A 1040 28.93 -34.71 -23.39
C ALA A 1040 30.29 -34.96 -24.05
N GLU A 1041 30.29 -34.86 -25.37
CA GLU A 1041 31.54 -34.83 -26.12
C GLU A 1041 32.16 -33.43 -26.09
N VAL A 1042 33.46 -33.37 -26.37
CA VAL A 1042 34.20 -32.13 -26.44
C VAL A 1042 34.58 -31.88 -27.90
N LYS A 1043 34.08 -30.79 -28.46
CA LYS A 1043 34.29 -30.44 -29.86
C LYS A 1043 35.29 -29.31 -29.98
N LYS A 1044 35.65 -29.01 -31.23
CA LYS A 1044 36.59 -27.94 -31.53
C LYS A 1044 35.84 -26.67 -31.93
N TYR A 1053 32.26 -27.62 -36.45
CA TYR A 1053 32.48 -28.31 -35.19
C TYR A 1053 32.93 -29.75 -35.40
N VAL A 1054 34.25 -29.93 -35.46
CA VAL A 1054 34.86 -31.24 -35.64
C VAL A 1054 35.21 -31.76 -34.24
N ARG A 1055 34.64 -32.88 -33.85
CA ARG A 1055 34.97 -33.46 -32.56
C ARG A 1055 36.40 -33.99 -32.56
N VAL A 1056 37.01 -34.00 -31.38
CA VAL A 1056 38.41 -34.40 -31.26
C VAL A 1056 38.48 -35.92 -31.12
N ALA A 1057 39.59 -36.49 -31.58
CA ALA A 1057 39.81 -37.92 -31.40
C ALA A 1057 40.02 -38.25 -29.93
N ASP A 1058 39.53 -39.42 -29.53
CA ASP A 1058 39.60 -39.82 -28.13
C ASP A 1058 41.03 -40.08 -27.68
N THR A 1059 41.94 -40.30 -28.62
CA THR A 1059 43.33 -40.58 -28.28
C THR A 1059 44.14 -39.33 -27.96
N GLU A 1060 43.67 -38.16 -28.38
CA GLU A 1060 44.43 -36.93 -28.18
C GLU A 1060 44.58 -36.60 -26.71
N ALA A 1061 45.46 -35.66 -26.42
CA ALA A 1061 45.71 -35.19 -25.05
C ALA A 1061 44.96 -33.89 -24.82
N VAL A 1062 44.77 -33.54 -23.54
CA VAL A 1062 43.95 -32.38 -23.24
C VAL A 1062 44.79 -31.13 -23.02
N ALA A 1063 45.97 -31.27 -22.42
CA ALA A 1063 46.79 -30.10 -22.11
C ALA A 1063 47.26 -29.35 -23.36
N PRO A 1064 47.77 -30.01 -24.41
CA PRO A 1064 48.18 -29.24 -25.59
C PRO A 1064 47.04 -28.54 -26.31
N LEU A 1065 45.79 -28.95 -26.07
CA LEU A 1065 44.67 -28.34 -26.76
C LEU A 1065 44.38 -26.94 -26.27
N PHE A 1066 44.87 -26.58 -25.09
CA PHE A 1066 44.60 -25.25 -24.54
C PHE A 1066 45.73 -24.29 -24.85
N ASP A 1072 42.50 -21.39 -28.03
CA ASP A 1072 41.41 -21.71 -27.13
C ASP A 1072 40.07 -21.50 -27.84
N ILE A 1073 39.69 -22.48 -28.65
CA ILE A 1073 38.44 -22.43 -29.40
C ILE A 1073 37.54 -23.63 -29.12
N LEU A 1074 38.06 -24.69 -28.50
CA LEU A 1074 37.25 -25.87 -28.22
C LEU A 1074 36.13 -25.57 -27.24
N LYS A 1075 34.97 -26.19 -27.46
CA LYS A 1075 33.82 -26.05 -26.59
C LYS A 1075 33.33 -27.44 -26.21
N LEU A 1076 32.44 -27.48 -25.21
CA LEU A 1076 31.93 -28.72 -24.65
C LEU A 1076 30.44 -28.79 -24.90
N VAL A 1077 30.01 -29.79 -25.65
CA VAL A 1077 28.62 -29.92 -26.07
C VAL A 1077 28.04 -31.22 -25.54
N ALA A 1078 26.71 -31.24 -25.39
CA ALA A 1078 25.97 -32.40 -24.95
C ALA A 1078 25.14 -32.92 -26.11
N VAL A 1079 25.41 -34.16 -26.52
CA VAL A 1079 24.69 -34.79 -27.61
C VAL A 1079 23.89 -35.97 -27.05
N ASP A 1080 22.78 -36.28 -27.71
CA ASP A 1080 22.07 -37.45 -27.20
C ASP A 1080 22.39 -38.67 -28.07
N PRO A 1081 22.44 -39.86 -27.47
CA PRO A 1081 22.85 -41.03 -28.26
C PRO A 1081 21.78 -41.54 -29.20
N ALA A 1082 20.50 -41.28 -28.90
CA ALA A 1082 19.43 -41.74 -29.78
C ALA A 1082 19.36 -40.91 -31.06
N ALA A 1083 19.08 -39.63 -30.93
CA ALA A 1083 18.98 -38.75 -32.09
C ALA A 1083 20.33 -38.13 -32.43
N PRO A 1090 21.00 -27.78 -30.73
CA PRO A 1090 21.54 -26.83 -29.75
C PRO A 1090 20.76 -26.81 -28.45
N ASN A 1091 21.42 -27.14 -27.36
CA ASN A 1091 20.84 -27.08 -26.03
C ASN A 1091 21.84 -26.46 -25.09
N ASN A 1092 21.35 -25.97 -23.96
CA ASN A 1092 22.17 -25.34 -22.94
C ASN A 1092 22.06 -26.07 -21.61
N CYS A 1093 22.10 -27.40 -21.64
CA CYS A 1093 21.89 -28.17 -20.42
C CYS A 1093 23.19 -28.66 -19.81
N PHE A 1094 24.24 -27.85 -19.88
CA PHE A 1094 25.28 -27.86 -18.87
C PHE A 1094 25.09 -26.76 -17.85
N LEU A 1095 24.30 -25.74 -18.18
CA LEU A 1095 24.02 -24.67 -17.23
C LEU A 1095 23.18 -25.16 -16.07
N TRP A 1096 22.37 -26.19 -16.27
CA TRP A 1096 21.47 -26.69 -15.23
C TRP A 1096 22.10 -27.80 -14.41
N THR A 1097 23.26 -27.52 -13.84
CA THR A 1097 23.95 -28.42 -12.95
C THR A 1097 24.45 -27.64 -11.75
N GLN A 1098 24.61 -28.30 -10.61
CA GLN A 1098 25.10 -27.60 -9.43
C GLN A 1098 26.61 -27.40 -9.50
N ALA A 1099 27.30 -28.19 -10.32
CA ALA A 1099 28.74 -28.01 -10.47
C ALA A 1099 29.04 -26.78 -11.33
N PHE A 1100 28.20 -26.51 -12.32
CA PHE A 1100 28.47 -25.39 -13.22
C PHE A 1100 27.86 -24.10 -12.70
N LEU A 1101 27.00 -24.19 -11.69
CA LEU A 1101 26.38 -22.98 -11.15
C LEU A 1101 27.15 -22.46 -9.94
N ASP A 1102 27.96 -23.31 -9.31
CA ASP A 1102 28.67 -22.95 -8.10
C ASP A 1102 29.80 -21.96 -8.39
N ASP A 1103 30.55 -21.61 -7.33
CA ASP A 1103 31.73 -20.77 -7.48
C ASP A 1103 33.00 -21.58 -7.62
N LYS A 1104 33.15 -22.62 -6.81
CA LYS A 1104 34.37 -23.40 -6.81
C LYS A 1104 34.66 -23.96 -8.20
N THR A 1105 35.94 -24.09 -8.52
CA THR A 1105 36.33 -24.65 -9.80
C THR A 1105 36.06 -26.14 -9.85
N ILE A 1106 35.92 -26.67 -11.05
CA ILE A 1106 35.71 -28.10 -11.24
C ILE A 1106 37.05 -28.81 -11.21
N VAL A 1107 37.16 -29.85 -10.39
CA VAL A 1107 38.38 -30.63 -10.27
C VAL A 1107 38.15 -31.94 -11.02
N VAL A 1108 38.72 -32.04 -12.22
CA VAL A 1108 38.39 -33.15 -13.12
C VAL A 1108 39.00 -34.44 -12.61
N SER A 1109 40.22 -34.39 -12.08
CA SER A 1109 40.89 -35.56 -11.53
C SER A 1109 41.07 -36.66 -12.56
#